data_6OUV
#
_entry.id   6OUV
#
_cell.length_a   78.503
_cell.length_b   125.279
_cell.length_c   151.699
_cell.angle_alpha   90.00
_cell.angle_beta   90.00
_cell.angle_gamma   90.00
#
_symmetry.space_group_name_H-M   'P 21 21 21'
#
loop_
_entity.id
_entity.type
_entity.pdbx_description
1 polymer '1-deoxy-D-xylulose-5-phosphate synthase'
2 non-polymer 3-[(4-AMINO-2-METHYLPYRIMIDIN-5-YL)METHYL]-2-{(1S)-1-HYDROXY-1-[(R)-HYDROXY(METHOXY)PHOSPHORYL]ETHYL}-5-(2-{[(S)-HYDROXY(PHOSPHONOOXY)PHOSPHORYL]OXY}ETHYL)-4-METHYL-1,3-THIAZOL-3-IUM
3 non-polymer 'MAGNESIUM ION'
4 non-polymer 'SODIUM ION'
5 water water
#
_entity_poly.entity_id   1
_entity_poly.type   'polypeptide(L)'
_entity_poly.pdbx_seq_one_letter_code
;MGSSHHHHHHSSGLVPRGSHMMNELPGTSDTPLLDQIHGPKDLKRLSREQLPALTEELRGEIVRVCSRGGLHLASSLGAV
DIITALHYVLDSPRDRILFDVGHQAYAHKILTGRRDQMADIKKEGGISGFTKVSESEHDAITVGHASTSLANALGMALAR
DAQGKDFHVAAVIGDGSLTGGMALAALNTIGDMGRKMLIVLNDNEMSISENVGAMNKFMRGLQVQKWFQEGEGAGKKAVE
AVSKPLADFMSRAKNSTRHFFDPASVNPFAAMGVRYVGPVDGHNVQELVWLLERLVDLDGPTILHIVTTKGKGLSYAEAD
PIYWHGPAKFDPATGEYVPSSAYSWSAAFGEAVTEWAKTDPRTFVVTPAMREGSGLVEFSRVHPHRYLDVGIAEEVAVTT
AAGMALQGMRPVVAIYSTFLQRAYDQVLHDVAIEHLNVTFCIDRAGIVGADGATHNGVFDLSFLRSIPGVRIGLPKDAAE
LRGMLKYAQTHDGPFAIRYPRGNTAQVPAGTWPDLKWGEWERLKGGDDVVILAGGKALDYALKAAEDLPGVGVVNARFVK
PLDEEMLREVGGRARALITVEDNTVVGGFGGAVLEALNSMNLHPTVRVLGIPDEFQEHATAESVHARAGIDAPAIRTVLA
ELGVDVPIEV
;
_entity_poly.pdbx_strand_id   A,B
#
# COMPACT_ATOMS: atom_id res chain seq x y z
N SER A 29 -26.79 22.21 36.45
CA SER A 29 -25.96 21.63 35.39
C SER A 29 -24.48 21.91 35.62
N ASP A 30 -23.64 20.92 35.29
CA ASP A 30 -22.20 21.07 35.42
C ASP A 30 -21.56 21.83 34.26
N THR A 31 -22.29 22.02 33.16
CA THR A 31 -21.72 22.55 31.92
C THR A 31 -22.57 23.71 31.40
N PRO A 32 -22.61 24.84 32.11
CA PRO A 32 -23.47 25.94 31.65
C PRO A 32 -23.06 26.49 30.29
N LEU A 33 -21.77 26.54 29.99
CA LEU A 33 -21.33 27.07 28.69
C LEU A 33 -21.66 26.10 27.56
N LEU A 34 -21.34 24.82 27.74
CA LEU A 34 -21.58 23.84 26.69
C LEU A 34 -23.08 23.63 26.43
N ASP A 35 -23.92 23.87 27.44
CA ASP A 35 -25.36 23.71 27.28
C ASP A 35 -25.94 24.65 26.23
N GLN A 36 -25.25 25.75 25.92
CA GLN A 36 -25.73 26.72 24.95
C GLN A 36 -25.02 26.65 23.61
N ILE A 37 -24.14 25.67 23.41
CA ILE A 37 -23.34 25.55 22.20
C ILE A 37 -23.85 24.35 21.42
N HIS A 38 -24.52 24.61 20.30
CA HIS A 38 -24.98 23.57 19.39
C HIS A 38 -24.19 23.55 18.10
N GLY A 39 -23.23 24.45 17.94
CA GLY A 39 -22.41 24.53 16.75
C GLY A 39 -21.36 25.60 16.89
N PRO A 40 -20.44 25.70 15.93
CA PRO A 40 -19.37 26.70 16.02
C PRO A 40 -19.86 28.14 16.07
N LYS A 41 -21.03 28.45 15.52
CA LYS A 41 -21.53 29.81 15.63
C LYS A 41 -21.85 30.17 17.07
N ASP A 42 -22.45 29.24 17.82
CA ASP A 42 -22.69 29.48 19.24
C ASP A 42 -21.37 29.64 19.99
N LEU A 43 -20.36 28.86 19.60
CA LEU A 43 -19.06 28.94 20.27
C LEU A 43 -18.45 30.32 20.12
N LYS A 44 -18.57 30.93 18.94
CA LYS A 44 -17.96 32.24 18.69
C LYS A 44 -18.61 33.36 19.49
N ARG A 45 -19.78 33.14 20.07
CA ARG A 45 -20.38 34.16 20.91
C ARG A 45 -19.68 34.30 22.26
N LEU A 46 -18.89 33.31 22.65
CA LEU A 46 -18.11 33.43 23.87
C LEU A 46 -16.96 34.40 23.68
N SER A 47 -16.57 35.07 24.77
CA SER A 47 -15.37 35.87 24.74
C SER A 47 -14.16 34.96 24.84
N ARG A 48 -13.00 35.49 24.41
CA ARG A 48 -11.77 34.71 24.48
C ARG A 48 -11.42 34.32 25.90
N GLU A 49 -11.84 35.12 26.89
CA GLU A 49 -11.55 34.83 28.28
C GLU A 49 -12.41 33.71 28.85
N GLN A 50 -13.54 33.39 28.21
CA GLN A 50 -14.36 32.27 28.63
C GLN A 50 -13.89 30.93 28.08
N LEU A 51 -12.97 30.94 27.11
CA LEU A 51 -12.55 29.70 26.49
C LEU A 51 -11.85 28.73 27.44
N PRO A 52 -10.99 29.17 28.37
CA PRO A 52 -10.46 28.19 29.35
C PRO A 52 -11.54 27.45 30.11
N ALA A 53 -12.59 28.16 30.57
CA ALA A 53 -13.67 27.49 31.27
C ALA A 53 -14.37 26.48 30.37
N LEU A 54 -14.51 26.80 29.07
CA LEU A 54 -15.15 25.86 28.16
C LEU A 54 -14.32 24.59 27.99
N THR A 55 -13.00 24.71 27.90
CA THR A 55 -12.18 23.50 27.74
C THR A 55 -12.29 22.59 28.95
N GLU A 56 -12.49 23.15 30.14
CA GLU A 56 -12.69 22.33 31.32
C GLU A 56 -13.99 21.56 31.24
N GLU A 57 -15.08 22.22 30.80
CA GLU A 57 -16.34 21.52 30.59
C GLU A 57 -16.20 20.43 29.54
N LEU A 58 -15.48 20.72 28.46
CA LEU A 58 -15.27 19.71 27.42
C LEU A 58 -14.51 18.51 27.97
N ARG A 59 -13.48 18.76 28.78
CA ARG A 59 -12.70 17.65 29.34
C ARG A 59 -13.55 16.79 30.27
N GLY A 60 -14.34 17.42 31.14
CA GLY A 60 -15.23 16.65 31.99
C GLY A 60 -16.25 15.88 31.20
N GLU A 61 -16.75 16.47 30.11
CA GLU A 61 -17.70 15.78 29.24
C GLU A 61 -17.07 14.56 28.58
N ILE A 62 -15.84 14.70 28.07
CA ILE A 62 -15.18 13.59 27.39
C ILE A 62 -14.89 12.45 28.38
N VAL A 63 -14.52 12.80 29.62
CA VAL A 63 -14.27 11.79 30.63
C VAL A 63 -15.54 10.97 30.90
N ARG A 64 -16.69 11.65 31.03
CA ARG A 64 -17.93 10.93 31.29
C ARG A 64 -18.32 10.06 30.10
N VAL A 65 -18.14 10.56 28.88
CA VAL A 65 -18.46 9.80 27.68
C VAL A 65 -17.63 8.51 27.64
N CYS A 66 -16.36 8.59 28.02
CA CYS A 66 -15.45 7.45 27.90
C CYS A 66 -15.50 6.52 29.10
N SER A 67 -16.19 6.90 30.19
CA SER A 67 -16.17 6.10 31.41
C SER A 67 -16.83 4.74 31.22
N ARG A 68 -17.67 4.56 30.21
CA ARG A 68 -18.25 3.25 29.95
C ARG A 68 -17.27 2.29 29.30
N GLY A 69 -16.15 2.77 28.81
CA GLY A 69 -15.10 1.91 28.30
C GLY A 69 -15.12 1.76 26.80
N GLY A 70 -13.95 1.47 26.24
CA GLY A 70 -13.82 1.16 24.82
C GLY A 70 -13.64 2.34 23.89
N LEU A 71 -13.33 3.52 24.41
CA LEU A 71 -13.24 4.73 23.60
C LEU A 71 -11.84 5.34 23.71
N HIS A 72 -11.57 6.33 22.85
CA HIS A 72 -10.26 6.97 22.75
C HIS A 72 -10.20 8.18 23.69
N LEU A 73 -9.95 7.90 24.97
CA LEU A 73 -10.00 8.95 25.99
C LEU A 73 -8.80 9.88 25.91
N ALA A 74 -7.58 9.34 26.02
CA ALA A 74 -6.42 10.19 26.25
C ALA A 74 -6.12 11.08 25.05
N SER A 75 -6.35 10.58 23.83
CA SER A 75 -6.05 11.40 22.65
C SER A 75 -7.01 12.57 22.53
N SER A 76 -8.30 12.34 22.76
CA SER A 76 -9.27 13.43 22.65
C SER A 76 -9.09 14.44 23.79
N LEU A 77 -8.70 13.98 24.98
CA LEU A 77 -8.42 14.93 26.06
C LEU A 77 -7.26 15.84 25.69
N GLY A 78 -6.21 15.29 25.07
CA GLY A 78 -5.06 16.09 24.70
C GLY A 78 -5.36 17.14 23.65
N ALA A 79 -6.35 16.89 22.79
CA ALA A 79 -6.64 17.76 21.66
C ALA A 79 -7.76 18.77 21.94
N VAL A 80 -8.25 18.85 23.18
CA VAL A 80 -9.41 19.71 23.47
C VAL A 80 -9.11 21.16 23.13
N ASP A 81 -7.93 21.66 23.51
CA ASP A 81 -7.67 23.09 23.42
C ASP A 81 -7.46 23.54 21.98
N ILE A 82 -6.73 22.75 21.18
CA ILE A 82 -6.53 23.15 19.79
C ILE A 82 -7.83 23.03 19.00
N ILE A 83 -8.68 22.05 19.32
CA ILE A 83 -9.95 21.91 18.62
C ILE A 83 -10.86 23.09 18.95
N THR A 84 -10.90 23.49 20.24
CA THR A 84 -11.68 24.66 20.62
C THR A 84 -11.21 25.91 19.90
N ALA A 85 -9.88 26.10 19.86
CA ALA A 85 -9.33 27.27 19.18
C ALA A 85 -9.62 27.26 17.69
N LEU A 86 -9.52 26.08 17.06
CA LEU A 86 -9.75 25.99 15.62
C LEU A 86 -11.18 26.38 15.25
N HIS A 87 -12.17 25.89 16.01
CA HIS A 87 -13.55 26.23 15.71
C HIS A 87 -13.89 27.66 16.10
N TYR A 88 -13.16 28.25 17.05
CA TYR A 88 -13.40 29.64 17.41
C TYR A 88 -12.90 30.58 16.33
N VAL A 89 -11.78 30.24 15.70
CA VAL A 89 -11.18 31.10 14.68
C VAL A 89 -11.73 30.81 13.29
N LEU A 90 -11.82 29.54 12.91
CA LEU A 90 -12.26 29.15 11.58
C LEU A 90 -13.78 29.01 11.53
N ASP A 91 -14.30 28.88 10.31
CA ASP A 91 -15.73 28.93 10.05
C ASP A 91 -16.16 27.63 9.34
N SER A 92 -16.12 26.53 10.08
CA SER A 92 -16.63 25.27 9.55
C SER A 92 -18.16 25.34 9.44
N PRO A 93 -18.76 24.73 8.41
CA PRO A 93 -18.18 23.86 7.38
C PRO A 93 -17.64 24.58 6.14
N ARG A 94 -17.71 25.90 6.10
CA ARG A 94 -17.12 26.61 4.96
C ARG A 94 -15.61 26.40 4.91
N ASP A 95 -14.94 26.57 6.05
CA ASP A 95 -13.57 26.13 6.18
C ASP A 95 -13.54 24.63 6.50
N ARG A 96 -12.49 23.96 6.03
CA ARG A 96 -12.35 22.52 6.18
C ARG A 96 -11.27 22.22 7.21
N ILE A 97 -11.64 21.53 8.28
CA ILE A 97 -10.73 21.11 9.32
C ILE A 97 -10.64 19.59 9.24
N LEU A 98 -9.44 19.08 8.95
CA LEU A 98 -9.22 17.65 8.72
C LEU A 98 -8.46 17.06 9.91
N PHE A 99 -8.95 15.92 10.40
CA PHE A 99 -8.31 15.24 11.51
C PHE A 99 -7.64 13.97 11.00
N ASP A 100 -6.37 13.81 11.34
CA ASP A 100 -5.65 12.59 11.02
C ASP A 100 -6.01 11.52 12.05
N VAL A 101 -6.45 10.36 11.55
CA VAL A 101 -7.00 9.24 12.31
C VAL A 101 -8.42 9.57 12.79
N GLY A 102 -8.60 10.71 13.44
CA GLY A 102 -9.90 11.11 13.92
C GLY A 102 -10.25 10.64 15.31
N HIS A 103 -9.39 9.84 15.95
CA HIS A 103 -9.63 9.36 17.30
C HIS A 103 -9.49 10.46 18.35
N GLN A 104 -8.89 11.59 17.99
CA GLN A 104 -8.67 12.69 18.93
C GLN A 104 -9.75 13.76 18.82
N ALA A 105 -10.84 13.50 18.08
CA ALA A 105 -11.79 14.54 17.70
C ALA A 105 -13.12 14.46 18.45
N TYR A 106 -13.14 13.91 19.67
CA TYR A 106 -14.39 13.88 20.41
C TYR A 106 -14.89 15.29 20.72
N ALA A 107 -13.98 16.19 21.09
CA ALA A 107 -14.39 17.58 21.34
C ALA A 107 -14.92 18.23 20.07
N HIS A 108 -14.38 17.84 18.91
CA HIS A 108 -14.88 18.34 17.64
C HIS A 108 -16.34 17.95 17.42
N LYS A 109 -16.68 16.69 17.69
CA LYS A 109 -18.06 16.25 17.52
C LYS A 109 -18.99 16.90 18.54
N ILE A 110 -18.51 17.10 19.77
CA ILE A 110 -19.32 17.75 20.80
C ILE A 110 -19.65 19.19 20.41
N LEU A 111 -18.70 19.85 19.75
CA LEU A 111 -18.88 21.24 19.35
C LEU A 111 -19.59 21.41 18.01
N THR A 112 -19.90 20.32 17.31
CA THR A 112 -20.54 20.39 16.00
C THR A 112 -21.86 19.63 15.99
N GLY A 113 -22.66 19.80 17.04
CA GLY A 113 -24.02 19.32 17.04
C GLY A 113 -24.20 17.86 17.39
N ARG A 114 -23.18 17.19 17.90
CA ARG A 114 -23.30 15.76 18.20
C ARG A 114 -23.08 15.47 19.68
N ARG A 115 -23.27 16.45 20.56
CA ARG A 115 -23.02 16.24 21.99
C ARG A 115 -23.89 15.12 22.55
N ASP A 116 -25.18 15.14 22.24
CA ASP A 116 -26.08 14.11 22.76
C ASP A 116 -25.75 12.73 22.19
N GLN A 117 -25.27 12.67 20.94
CA GLN A 117 -24.98 11.38 20.32
C GLN A 117 -23.70 10.73 20.85
N MET A 118 -22.90 11.45 21.64
CA MET A 118 -21.68 10.85 22.18
C MET A 118 -21.99 9.66 23.09
N ALA A 119 -23.20 9.58 23.63
CA ALA A 119 -23.55 8.46 24.50
C ALA A 119 -23.52 7.14 23.74
N ASP A 120 -23.80 7.16 22.44
CA ASP A 120 -23.86 5.94 21.63
C ASP A 120 -22.73 5.88 20.61
N ILE A 121 -21.63 6.59 20.83
CA ILE A 121 -20.54 6.59 19.85
C ILE A 121 -19.94 5.19 19.75
N LYS A 122 -19.68 4.76 18.50
CA LYS A 122 -19.17 3.45 18.11
C LYS A 122 -20.17 2.32 18.32
N LYS A 123 -21.38 2.59 18.81
CA LYS A 123 -22.42 1.58 18.88
C LYS A 123 -23.15 1.50 17.54
N GLU A 124 -23.70 0.32 17.26
CA GLU A 124 -24.46 0.12 16.02
C GLU A 124 -25.60 1.12 15.94
N GLY A 125 -25.66 1.84 14.83
CA GLY A 125 -26.66 2.88 14.65
C GLY A 125 -26.27 4.23 15.21
N GLY A 126 -25.22 4.32 16.03
CA GLY A 126 -24.73 5.58 16.54
C GLY A 126 -23.70 6.20 15.64
N ILE A 127 -23.11 7.30 16.12
CA ILE A 127 -22.06 7.97 15.36
C ILE A 127 -20.77 7.18 15.41
N SER A 128 -19.88 7.46 14.46
CA SER A 128 -18.60 6.78 14.35
C SER A 128 -17.62 7.27 15.41
N GLY A 129 -16.65 6.42 15.73
CA GLY A 129 -15.57 6.81 16.61
C GLY A 129 -14.55 7.74 15.98
N PHE A 130 -14.59 7.90 14.66
CA PHE A 130 -13.73 8.79 13.92
C PHE A 130 -14.59 9.75 13.12
N THR A 131 -13.97 10.78 12.54
CA THR A 131 -14.74 11.69 11.69
C THR A 131 -15.13 10.96 10.42
N LYS A 132 -16.33 11.27 9.91
CA LYS A 132 -16.90 10.55 8.78
C LYS A 132 -17.69 11.52 7.93
N VAL A 133 -17.34 11.60 6.64
CA VAL A 133 -17.92 12.59 5.74
C VAL A 133 -19.44 12.46 5.69
N SER A 134 -19.95 11.22 5.63
CA SER A 134 -21.40 11.06 5.55
C SER A 134 -22.11 11.40 6.84
N GLU A 135 -21.39 11.55 7.94
CA GLU A 135 -22.01 11.80 9.25
C GLU A 135 -22.27 13.27 9.51
N SER A 136 -21.41 14.17 9.01
CA SER A 136 -21.56 15.57 9.33
C SER A 136 -20.86 16.41 8.28
N GLU A 137 -21.46 17.56 7.93
CA GLU A 137 -20.81 18.53 7.07
C GLU A 137 -19.52 19.06 7.68
N HIS A 138 -19.37 18.94 9.01
CA HIS A 138 -18.17 19.39 9.71
C HIS A 138 -17.04 18.37 9.67
N ASP A 139 -17.29 17.14 9.22
CA ASP A 139 -16.26 16.10 9.13
C ASP A 139 -15.68 16.12 7.71
N ALA A 140 -14.47 16.67 7.58
CA ALA A 140 -13.92 16.92 6.24
C ALA A 140 -13.45 15.64 5.56
N ILE A 141 -12.94 14.67 6.32
CA ILE A 141 -12.47 13.42 5.74
C ILE A 141 -12.94 12.26 6.62
N THR A 142 -13.09 11.09 5.99
CA THR A 142 -13.37 9.85 6.70
C THR A 142 -12.03 9.16 6.97
N VAL A 143 -11.72 8.97 8.25
CA VAL A 143 -10.39 8.53 8.65
C VAL A 143 -10.50 7.40 9.66
N GLY A 144 -9.36 6.76 9.89
CA GLY A 144 -9.22 5.64 10.80
C GLY A 144 -7.79 5.17 10.66
N HIS A 145 -7.41 4.85 9.42
CA HIS A 145 -6.00 4.73 9.11
C HIS A 145 -5.33 6.09 9.25
N ALA A 146 -4.07 6.07 9.68
CA ALA A 146 -3.32 7.26 10.00
C ALA A 146 -2.59 7.81 8.78
N SER A 147 -2.25 9.10 8.86
CA SER A 147 -1.34 9.81 7.95
C SER A 147 -2.01 10.24 6.65
N THR A 148 -3.33 10.16 6.53
CA THR A 148 -4.01 10.53 5.29
C THR A 148 -4.39 12.02 5.24
N SER A 149 -4.25 12.75 6.34
CA SER A 149 -4.79 14.11 6.39
C SER A 149 -4.04 15.05 5.45
N LEU A 150 -2.73 14.87 5.29
CA LEU A 150 -1.94 15.85 4.55
C LEU A 150 -2.21 15.76 3.05
N ALA A 151 -2.25 14.54 2.49
CA ALA A 151 -2.60 14.42 1.07
C ALA A 151 -4.03 14.86 0.80
N ASN A 152 -4.96 14.49 1.69
CA ASN A 152 -6.34 14.98 1.55
C ASN A 152 -6.39 16.50 1.59
N ALA A 153 -5.66 17.12 2.52
CA ALA A 153 -5.67 18.57 2.61
C ALA A 153 -5.07 19.21 1.37
N LEU A 154 -4.02 18.62 0.82
CA LEU A 154 -3.45 19.11 -0.43
C LEU A 154 -4.47 19.06 -1.55
N GLY A 155 -5.19 17.94 -1.67
CA GLY A 155 -6.19 17.83 -2.71
C GLY A 155 -7.29 18.87 -2.57
N MET A 156 -7.71 19.15 -1.34
CA MET A 156 -8.75 20.16 -1.14
C MET A 156 -8.24 21.56 -1.45
N ALA A 157 -6.99 21.86 -1.10
CA ALA A 157 -6.43 23.17 -1.40
C ALA A 157 -6.26 23.36 -2.91
N LEU A 158 -5.81 22.32 -3.61
CA LEU A 158 -5.68 22.41 -5.06
C LEU A 158 -7.04 22.55 -5.73
N ALA A 159 -8.05 21.84 -5.22
CA ALA A 159 -9.40 21.98 -5.75
C ALA A 159 -9.95 23.37 -5.50
N ARG A 160 -9.72 23.91 -4.29
CA ARG A 160 -10.14 25.27 -3.98
C ARG A 160 -9.53 26.28 -4.94
N ASP A 161 -8.21 26.18 -5.16
CA ASP A 161 -7.54 27.13 -6.04
C ASP A 161 -7.99 26.98 -7.48
N ALA A 162 -8.20 25.74 -7.92
CA ALA A 162 -8.67 25.51 -9.29
C ALA A 162 -10.04 26.12 -9.52
N GLN A 163 -10.89 26.14 -8.50
CA GLN A 163 -12.23 26.69 -8.60
C GLN A 163 -12.29 28.18 -8.27
N GLY A 164 -11.16 28.80 -7.96
CA GLY A 164 -11.16 30.21 -7.63
C GLY A 164 -11.80 30.54 -6.31
N LYS A 165 -11.87 29.57 -5.39
CA LYS A 165 -12.51 29.79 -4.10
C LYS A 165 -11.48 30.22 -3.06
N ASP A 166 -12.00 30.64 -1.90
CA ASP A 166 -11.18 31.26 -0.87
C ASP A 166 -11.74 30.86 0.50
N PHE A 167 -11.51 29.61 0.87
CA PHE A 167 -11.80 29.14 2.22
C PHE A 167 -10.52 28.57 2.81
N HIS A 168 -10.51 28.37 4.13
CA HIS A 168 -9.34 27.86 4.82
C HIS A 168 -9.33 26.34 4.83
N VAL A 169 -8.13 25.78 4.69
CA VAL A 169 -7.90 24.34 4.83
C VAL A 169 -6.93 24.16 5.99
N ALA A 170 -7.34 23.38 6.98
CA ALA A 170 -6.51 23.11 8.15
C ALA A 170 -6.53 21.62 8.44
N ALA A 171 -5.34 21.08 8.75
CA ALA A 171 -5.19 19.67 9.08
C ALA A 171 -4.52 19.53 10.43
N VAL A 172 -5.06 18.64 11.26
CA VAL A 172 -4.48 18.32 12.56
C VAL A 172 -3.88 16.91 12.47
N ILE A 173 -2.56 16.81 12.63
CA ILE A 173 -1.86 15.54 12.51
C ILE A 173 -0.98 15.34 13.74
N GLY A 174 -1.05 14.13 14.32
CA GLY A 174 -0.24 13.82 15.47
C GLY A 174 1.20 13.49 15.11
N ASP A 175 2.05 13.50 16.13
CA ASP A 175 3.46 13.15 15.93
C ASP A 175 3.61 11.70 15.49
N GLY A 176 2.72 10.82 15.95
CA GLY A 176 2.76 9.44 15.49
C GLY A 176 2.37 9.31 14.02
N SER A 177 1.27 9.96 13.64
CA SER A 177 0.85 9.91 12.24
C SER A 177 1.88 10.53 11.31
N LEU A 178 2.67 11.50 11.81
CA LEU A 178 3.69 12.12 10.99
C LEU A 178 4.81 11.15 10.61
N THR A 179 4.95 10.03 11.34
CA THR A 179 5.96 9.04 10.96
C THR A 179 5.58 8.25 9.71
N GLY A 180 4.35 8.36 9.25
CA GLY A 180 3.93 7.61 8.08
C GLY A 180 4.53 8.18 6.80
N GLY A 181 4.94 7.28 5.91
CA GLY A 181 5.54 7.71 4.66
C GLY A 181 4.63 8.59 3.82
N MET A 182 3.33 8.28 3.79
CA MET A 182 2.43 9.08 2.96
C MET A 182 2.21 10.48 3.54
N ALA A 183 2.48 10.68 4.83
CA ALA A 183 2.47 12.04 5.36
C ALA A 183 3.76 12.78 5.00
N LEU A 184 4.91 12.12 5.13
CA LEU A 184 6.17 12.77 4.78
C LEU A 184 6.23 13.11 3.31
N ALA A 185 5.79 12.19 2.45
CA ALA A 185 5.81 12.48 1.01
C ALA A 185 4.79 13.55 0.65
N ALA A 186 3.60 13.53 1.27
CA ALA A 186 2.61 14.57 0.98
C ALA A 186 3.14 15.95 1.39
N LEU A 187 3.86 16.02 2.50
CA LEU A 187 4.44 17.29 2.93
C LEU A 187 5.44 17.80 1.91
N ASN A 188 6.21 16.88 1.30
CA ASN A 188 7.15 17.25 0.25
C ASN A 188 6.42 17.88 -0.95
N THR A 189 5.24 17.35 -1.28
CA THR A 189 4.46 17.94 -2.36
C THR A 189 3.81 19.25 -1.91
N ILE A 190 3.34 19.29 -0.66
CA ILE A 190 2.73 20.50 -0.12
C ILE A 190 3.70 21.67 -0.19
N GLY A 191 4.96 21.45 0.20
CA GLY A 191 5.94 22.51 0.09
C GLY A 191 6.21 22.91 -1.35
N ASP A 192 6.12 21.95 -2.27
CA ASP A 192 6.36 22.22 -3.68
C ASP A 192 5.26 23.09 -4.26
N MET A 193 4.00 22.80 -3.94
CA MET A 193 2.87 23.53 -4.52
C MET A 193 2.70 24.90 -3.89
N GLY A 194 3.06 25.06 -2.62
CA GLY A 194 3.08 26.37 -1.98
C GLY A 194 1.72 27.03 -1.81
N ARG A 195 0.67 26.25 -1.60
CA ARG A 195 -0.67 26.82 -1.51
C ARG A 195 -1.02 27.15 -0.06
N LYS A 196 -2.05 27.99 0.09
CA LYS A 196 -2.54 28.38 1.41
C LYS A 196 -3.15 27.16 2.11
N MET A 197 -2.62 26.84 3.29
CA MET A 197 -3.12 25.75 4.12
C MET A 197 -2.35 25.79 5.43
N LEU A 198 -2.98 25.28 6.48
CA LEU A 198 -2.38 25.23 7.81
C LEU A 198 -2.34 23.80 8.30
N ILE A 199 -1.16 23.37 8.75
CA ILE A 199 -0.98 22.06 9.37
C ILE A 199 -0.67 22.28 10.83
N VAL A 200 -1.50 21.73 11.71
CA VAL A 200 -1.24 21.74 13.14
C VAL A 200 -0.60 20.39 13.49
N LEU A 201 0.67 20.42 13.90
CA LEU A 201 1.36 19.22 14.38
C LEU A 201 1.05 19.09 15.86
N ASN A 202 0.22 18.10 16.21
CA ASN A 202 -0.19 17.85 17.59
C ASN A 202 0.82 16.87 18.19
N ASP A 203 1.85 17.43 18.81
CA ASP A 203 3.02 16.66 19.26
C ASP A 203 2.89 16.39 20.77
N ASN A 204 2.63 15.13 21.12
CA ASN A 204 2.62 14.72 22.52
C ASN A 204 3.65 13.65 22.81
N GLU A 205 4.59 13.40 21.90
CA GLU A 205 5.63 12.38 21.99
C GLU A 205 5.07 10.98 22.15
N MET A 206 3.76 10.80 21.91
CA MET A 206 3.10 9.52 22.05
C MET A 206 2.49 9.11 20.72
N SER A 207 2.57 7.81 20.43
CA SER A 207 1.77 7.21 19.38
C SER A 207 0.69 6.42 20.10
N ILE A 208 0.80 5.10 20.18
CA ILE A 208 0.08 4.36 21.22
C ILE A 208 1.10 4.06 22.32
N SER A 209 2.18 3.37 21.96
CA SER A 209 3.39 3.42 22.77
C SER A 209 3.99 4.82 22.68
N GLU A 210 5.11 5.02 23.36
CA GLU A 210 5.90 6.21 23.12
C GLU A 210 6.25 6.27 21.64
N ASN A 211 6.23 7.48 21.07
CA ASN A 211 6.53 7.61 19.66
C ASN A 211 7.99 7.25 19.41
N VAL A 212 8.30 6.86 18.18
CA VAL A 212 9.65 6.49 17.79
C VAL A 212 10.05 7.32 16.57
N GLY A 213 11.29 7.15 16.14
CA GLY A 213 11.78 7.83 14.96
C GLY A 213 12.70 8.99 15.31
N ALA A 214 13.49 9.39 14.31
CA ALA A 214 14.47 10.46 14.52
C ALA A 214 13.80 11.82 14.67
N MET A 215 12.69 12.06 13.96
CA MET A 215 12.00 13.33 14.09
CA MET A 215 12.00 13.33 14.09
C MET A 215 11.47 13.53 15.51
N ASN A 216 10.94 12.47 16.12
CA ASN A 216 10.47 12.55 17.49
C ASN A 216 11.62 12.87 18.45
N LYS A 217 12.79 12.25 18.24
CA LYS A 217 13.95 12.56 19.05
C LYS A 217 14.43 13.99 18.86
N PHE A 218 14.42 14.47 17.61
CA PHE A 218 14.90 15.82 17.33
C PHE A 218 14.01 16.87 17.98
N MET A 219 12.69 16.67 17.93
CA MET A 219 11.76 17.66 18.45
C MET A 219 11.71 17.71 19.97
N ARG A 220 12.23 16.68 20.65
CA ARG A 220 12.30 16.71 22.10
C ARG A 220 13.16 17.88 22.58
N GLY A 221 14.21 18.21 21.85
CA GLY A 221 15.11 19.28 22.22
C GLY A 221 14.70 20.67 21.77
N LEU A 222 13.51 20.83 21.19
CA LEU A 222 13.04 22.13 20.76
C LEU A 222 12.34 22.83 21.92
N GLN A 223 12.76 24.07 22.19
CA GLN A 223 12.22 24.83 23.30
C GLN A 223 10.88 25.45 22.94
N VAL A 224 9.97 25.50 23.91
CA VAL A 224 8.64 26.06 23.69
C VAL A 224 8.74 27.58 23.58
N GLN A 225 8.00 28.14 22.62
CA GLN A 225 7.98 29.58 22.38
C GLN A 225 6.74 30.20 23.01
N LYS A 226 6.92 31.37 23.61
CA LYS A 226 5.83 32.11 24.25
C LYS A 226 5.44 33.27 23.33
N TRP A 227 4.20 33.25 22.84
CA TRP A 227 3.72 34.24 21.89
C TRP A 227 2.71 35.22 22.48
N PHE A 228 1.74 34.75 23.25
CA PHE A 228 0.68 35.61 23.78
C PHE A 228 0.71 35.60 25.30
N GLN A 229 0.58 36.79 25.88
CA GLN A 229 0.55 36.96 27.34
C GLN A 229 -0.71 37.68 27.78
N ALA A 238 4.66 37.93 25.85
CA ALA A 238 4.64 37.93 24.39
C ALA A 238 6.05 38.08 23.82
N VAL A 239 6.96 37.20 24.25
CA VAL A 239 8.36 37.33 23.86
C VAL A 239 8.53 37.14 22.37
N GLU A 240 7.97 36.06 21.83
CA GLU A 240 8.12 35.79 20.40
C GLU A 240 7.30 36.74 19.53
N ALA A 241 6.18 37.24 20.06
CA ALA A 241 5.39 38.22 19.30
C ALA A 241 6.12 39.55 19.17
N VAL A 242 6.93 39.90 20.17
CA VAL A 242 7.74 41.12 20.10
C VAL A 242 8.96 40.91 19.21
N SER A 243 9.54 39.70 19.21
CA SER A 243 10.75 39.44 18.43
C SER A 243 10.52 39.57 16.93
N LYS A 244 9.32 39.23 16.45
CA LYS A 244 8.99 39.29 15.03
C LYS A 244 7.77 40.19 14.82
N PRO A 245 7.93 41.52 14.99
CA PRO A 245 6.80 42.42 14.78
C PRO A 245 6.62 42.79 13.30
N SER A 265 15.63 27.78 17.24
CA SER A 265 15.22 28.72 16.19
C SER A 265 15.30 28.07 14.81
N VAL A 266 15.56 26.77 14.79
CA VAL A 266 15.72 26.03 13.54
C VAL A 266 14.37 25.50 13.09
N ASN A 267 14.18 25.44 11.77
CA ASN A 267 12.99 24.87 11.17
C ASN A 267 13.24 23.40 10.88
N PRO A 268 12.62 22.46 11.63
CA PRO A 268 12.83 21.03 11.35
C PRO A 268 12.37 20.61 9.97
N PHE A 269 11.53 21.42 9.32
CA PHE A 269 11.04 21.15 7.98
C PHE A 269 11.59 22.15 6.97
N ALA A 270 12.82 22.62 7.20
CA ALA A 270 13.40 23.65 6.33
C ALA A 270 13.47 23.18 4.88
N ALA A 271 13.88 21.93 4.65
CA ALA A 271 13.94 21.41 3.29
C ALA A 271 12.56 21.24 2.65
N MET A 272 11.49 21.30 3.45
CA MET A 272 10.14 21.17 2.91
C MET A 272 9.58 22.50 2.40
N GLY A 273 10.28 23.61 2.62
CA GLY A 273 9.78 24.89 2.15
C GLY A 273 8.48 25.32 2.78
N VAL A 274 8.23 24.93 4.02
CA VAL A 274 6.99 25.23 4.73
C VAL A 274 7.30 26.17 5.89
N ARG A 275 6.45 27.17 6.07
CA ARG A 275 6.56 28.04 7.24
C ARG A 275 6.36 27.22 8.51
N TYR A 276 7.22 27.46 9.50
CA TYR A 276 7.22 26.67 10.74
C TYR A 276 7.10 27.62 11.93
N VAL A 277 6.08 27.40 12.75
CA VAL A 277 5.82 28.20 13.94
C VAL A 277 5.75 27.26 15.13
N GLY A 278 6.51 27.55 16.18
CA GLY A 278 6.49 26.74 17.37
C GLY A 278 7.85 26.21 17.76
N PRO A 279 7.89 25.27 18.73
CA PRO A 279 6.71 24.70 19.40
C PRO A 279 6.04 25.68 20.37
N VAL A 280 4.72 25.56 20.52
CA VAL A 280 3.95 26.40 21.44
C VAL A 280 3.16 25.51 22.38
N ASP A 281 2.67 26.11 23.46
CA ASP A 281 1.87 25.39 24.45
C ASP A 281 0.52 25.02 23.82
N GLY A 282 0.31 23.72 23.61
CA GLY A 282 -0.93 23.22 23.03
C GLY A 282 -2.13 23.21 23.93
N HIS A 283 -2.00 23.68 25.17
CA HIS A 283 -3.11 23.74 26.12
C HIS A 283 -3.45 25.16 26.53
N ASN A 284 -2.82 26.16 25.93
CA ASN A 284 -3.14 27.56 26.18
C ASN A 284 -4.12 27.99 25.09
N VAL A 285 -5.41 27.86 25.37
CA VAL A 285 -6.41 28.01 24.31
C VAL A 285 -6.47 29.45 23.80
N GLN A 286 -6.25 30.44 24.66
CA GLN A 286 -6.29 31.83 24.19
C GLN A 286 -5.10 32.15 23.31
N GLU A 287 -3.91 31.63 23.66
CA GLU A 287 -2.74 31.84 22.81
C GLU A 287 -2.88 31.11 21.48
N LEU A 288 -3.47 29.92 21.49
CA LEU A 288 -3.73 29.22 20.24
C LEU A 288 -4.66 30.02 19.34
N VAL A 289 -5.72 30.60 19.93
CA VAL A 289 -6.60 31.48 19.17
C VAL A 289 -5.81 32.65 18.59
N TRP A 290 -5.02 33.30 19.44
CA TRP A 290 -4.20 34.43 19.00
C TRP A 290 -3.30 34.04 17.83
N LEU A 291 -2.66 32.87 17.92
CA LEU A 291 -1.76 32.43 16.86
C LEU A 291 -2.54 32.08 15.59
N LEU A 292 -3.63 31.33 15.73
CA LEU A 292 -4.39 30.91 14.55
C LEU A 292 -4.91 32.11 13.78
N GLU A 293 -5.38 33.14 14.48
CA GLU A 293 -5.87 34.34 13.80
C GLU A 293 -4.78 34.96 12.93
N ARG A 294 -3.53 34.86 13.35
CA ARG A 294 -2.42 35.52 12.67
C ARG A 294 -1.68 34.60 11.70
N LEU A 295 -2.14 33.36 11.52
CA LEU A 295 -1.51 32.42 10.60
C LEU A 295 -2.39 31.98 9.45
N VAL A 296 -3.71 31.84 9.66
CA VAL A 296 -4.54 31.13 8.69
C VAL A 296 -4.69 31.90 7.38
N ASP A 297 -4.40 33.20 7.37
CA ASP A 297 -4.57 34.01 6.16
C ASP A 297 -3.26 34.31 5.46
N LEU A 298 -2.15 33.74 5.93
CA LEU A 298 -0.86 33.96 5.30
C LEU A 298 -0.72 33.16 4.01
N ASP A 299 0.18 33.62 3.15
CA ASP A 299 0.47 32.92 1.91
C ASP A 299 1.28 31.65 2.20
N GLY A 300 1.01 30.60 1.42
CA GLY A 300 1.80 29.39 1.50
C GLY A 300 1.44 28.50 2.69
N PRO A 301 2.02 27.31 2.71
CA PRO A 301 1.70 26.36 3.78
C PRO A 301 2.46 26.67 5.06
N THR A 302 1.80 26.40 6.19
CA THR A 302 2.35 26.64 7.51
C THR A 302 2.17 25.41 8.37
N ILE A 303 3.21 25.05 9.12
CA ILE A 303 3.11 24.06 10.18
C ILE A 303 3.14 24.78 11.51
N LEU A 304 2.04 24.67 12.26
CA LEU A 304 1.97 25.15 13.63
C LEU A 304 2.26 23.96 14.54
N HIS A 305 3.41 23.99 15.20
CA HIS A 305 3.86 22.90 16.06
C HIS A 305 3.40 23.19 17.49
N ILE A 306 2.45 22.39 17.98
CA ILE A 306 1.98 22.52 19.35
C ILE A 306 2.44 21.31 20.15
N VAL A 307 2.61 21.51 21.46
CA VAL A 307 3.03 20.47 22.39
C VAL A 307 1.87 20.21 23.34
N THR A 308 1.40 18.97 23.39
CA THR A 308 0.28 18.60 24.25
C THR A 308 0.69 17.43 25.13
N THR A 309 -0.06 17.26 26.22
CA THR A 309 0.09 16.14 27.13
C THR A 309 -1.04 15.16 26.85
N LYS A 310 -0.68 13.95 26.41
CA LYS A 310 -1.72 12.96 26.15
C LYS A 310 -2.47 12.66 27.44
N GLY A 311 -3.79 12.72 27.38
CA GLY A 311 -4.62 12.55 28.55
C GLY A 311 -4.80 13.78 29.41
N LYS A 312 -4.44 14.96 28.89
CA LYS A 312 -4.49 16.20 29.67
C LYS A 312 -5.85 16.41 30.32
N GLY A 313 -5.85 16.60 31.64
CA GLY A 313 -7.06 16.84 32.39
C GLY A 313 -7.46 15.72 33.31
N LEU A 314 -6.92 14.52 33.10
CA LEU A 314 -7.18 13.38 33.97
C LEU A 314 -5.84 12.84 34.44
N SER A 315 -5.60 12.92 35.76
CA SER A 315 -4.29 12.61 36.30
C SER A 315 -3.83 11.20 35.95
N TYR A 316 -4.75 10.23 36.03
CA TYR A 316 -4.38 8.85 35.73
C TYR A 316 -3.98 8.71 34.26
N ALA A 317 -4.69 9.39 33.36
CA ALA A 317 -4.39 9.29 31.95
C ALA A 317 -3.07 9.98 31.60
N GLU A 318 -2.77 11.11 32.24
CA GLU A 318 -1.49 11.77 32.01
C GLU A 318 -0.33 10.91 32.51
N ALA A 319 -0.52 10.17 33.60
CA ALA A 319 0.53 9.35 34.17
C ALA A 319 0.80 8.09 33.35
N ASP A 320 -0.23 7.54 32.70
CA ASP A 320 -0.08 6.35 31.86
C ASP A 320 -0.89 6.56 30.59
N PRO A 321 -0.38 7.35 29.65
CA PRO A 321 -1.11 7.59 28.40
C PRO A 321 -1.20 6.36 27.50
N ILE A 322 -0.43 5.32 27.77
CA ILE A 322 -0.51 4.11 26.94
C ILE A 322 -1.83 3.37 27.22
N TYR A 323 -2.06 3.00 28.48
CA TYR A 323 -3.30 2.30 28.79
C TYR A 323 -4.51 3.18 28.51
N TRP A 324 -4.46 4.45 28.91
CA TRP A 324 -5.61 5.33 28.82
C TRP A 324 -5.85 5.84 27.40
N HIS A 325 -5.02 5.44 26.44
CA HIS A 325 -5.35 5.62 25.03
C HIS A 325 -6.69 4.99 24.69
N GLY A 326 -7.02 3.86 25.34
CA GLY A 326 -8.28 3.20 25.14
C GLY A 326 -8.66 2.39 26.37
N PRO A 327 -9.16 3.07 27.40
CA PRO A 327 -9.43 2.40 28.66
C PRO A 327 -10.75 1.65 28.67
N ALA A 328 -10.78 0.59 29.47
CA ALA A 328 -12.03 -0.12 29.73
C ALA A 328 -12.91 0.74 30.64
N LYS A 329 -14.05 0.19 31.05
CA LYS A 329 -14.94 0.89 31.96
C LYS A 329 -14.17 1.29 33.22
N PHE A 330 -14.26 2.56 33.58
CA PHE A 330 -13.48 3.08 34.70
C PHE A 330 -14.30 4.05 35.53
N ASP A 331 -13.82 4.26 36.76
CA ASP A 331 -14.40 5.24 37.67
C ASP A 331 -13.62 6.55 37.51
N PRO A 332 -14.24 7.62 37.02
CA PRO A 332 -13.47 8.87 36.82
C PRO A 332 -12.88 9.44 38.09
N ALA A 333 -13.50 9.18 39.26
CA ALA A 333 -13.01 9.74 40.50
C ALA A 333 -11.81 9.00 41.06
N THR A 334 -11.65 7.72 40.72
CA THR A 334 -10.58 6.90 41.28
C THR A 334 -9.54 6.46 40.26
N GLY A 335 -9.90 6.43 38.98
CA GLY A 335 -9.03 5.89 37.96
C GLY A 335 -8.97 4.37 37.90
N GLU A 336 -9.72 3.67 38.75
CA GLU A 336 -9.74 2.22 38.71
C GLU A 336 -10.61 1.74 37.57
N TYR A 337 -10.15 0.71 36.89
CA TYR A 337 -10.81 0.19 35.69
C TYR A 337 -10.95 -1.31 35.74
N VAL A 338 -11.86 -1.82 34.91
CA VAL A 338 -12.14 -3.24 34.81
C VAL A 338 -10.98 -3.92 34.08
N PRO A 339 -10.23 -4.79 34.72
N PRO A 339 -10.26 -4.85 34.71
CA PRO A 339 -9.07 -5.43 34.06
CA PRO A 339 -9.17 -5.54 34.00
C PRO A 339 -9.53 -6.45 33.04
C PRO A 339 -9.71 -6.30 32.78
N SER A 340 -8.72 -6.62 31.99
N SER A 340 -8.91 -6.31 31.72
CA SER A 340 -8.99 -7.60 30.95
CA SER A 340 -9.30 -6.97 30.48
C SER A 340 -8.43 -8.95 31.40
C SER A 340 -8.88 -8.45 30.50
N SER A 341 -9.24 -9.66 32.18
N SER A 341 -9.27 -9.17 29.46
CA SER A 341 -8.85 -10.97 32.68
CA SER A 341 -8.93 -10.58 29.36
C SER A 341 -8.89 -12.06 31.61
C SER A 341 -7.44 -10.75 29.08
N ALA A 342 -9.33 -11.74 30.40
N ALA A 342 -6.80 -11.64 29.83
CA ALA A 342 -9.39 -12.71 29.33
CA ALA A 342 -5.41 -11.99 29.61
C ALA A 342 -8.00 -12.95 28.73
C ALA A 342 -5.23 -13.16 28.64
N TYR A 343 -7.90 -13.98 27.90
N TYR A 343 -6.29 -13.54 27.92
CA TYR A 343 -6.65 -14.36 27.24
CA TYR A 343 -6.28 -14.72 27.07
C TYR A 343 -6.85 -14.24 25.74
C TYR A 343 -6.70 -14.35 25.65
N SER A 344 -6.25 -13.21 25.15
CA SER A 344 -6.50 -12.86 23.76
C SER A 344 -5.59 -13.68 22.82
N TRP A 345 -5.98 -13.72 21.55
CA TRP A 345 -5.09 -14.23 20.51
C TRP A 345 -3.78 -13.47 20.52
N SER A 346 -3.84 -12.16 20.76
CA SER A 346 -2.63 -11.35 20.84
C SER A 346 -1.68 -11.87 21.92
N ALA A 347 -2.23 -12.21 23.09
CA ALA A 347 -1.41 -12.76 24.16
C ALA A 347 -0.87 -14.14 23.81
N ALA A 348 -1.66 -14.95 23.11
CA ALA A 348 -1.17 -16.27 22.70
C ALA A 348 0.00 -16.14 21.73
N PHE A 349 -0.10 -15.21 20.77
CA PHE A 349 1.00 -14.97 19.86
C PHE A 349 2.22 -14.44 20.60
N GLY A 350 2.02 -13.46 21.49
CA GLY A 350 3.14 -12.88 22.22
C GLY A 350 3.88 -13.92 23.06
N GLU A 351 3.12 -14.78 23.74
CA GLU A 351 3.74 -15.87 24.50
C GLU A 351 4.51 -16.81 23.58
N ALA A 352 3.92 -17.17 22.43
CA ALA A 352 4.55 -18.12 21.52
C ALA A 352 5.85 -17.56 20.95
N VAL A 353 5.83 -16.31 20.48
CA VAL A 353 7.02 -15.78 19.83
C VAL A 353 8.11 -15.43 20.85
N THR A 354 7.72 -15.03 22.07
CA THR A 354 8.71 -14.81 23.12
C THR A 354 9.41 -16.11 23.47
N GLU A 355 8.64 -17.20 23.55
CA GLU A 355 9.20 -18.52 23.80
C GLU A 355 10.09 -18.96 22.64
N TRP A 356 9.62 -18.78 21.40
CA TRP A 356 10.37 -19.23 20.23
C TRP A 356 11.72 -18.54 20.12
N ALA A 357 11.76 -17.22 20.38
CA ALA A 357 12.99 -16.46 20.20
C ALA A 357 14.07 -16.83 21.22
N LYS A 358 13.70 -17.52 22.31
CA LYS A 358 14.72 -17.93 23.28
C LYS A 358 15.66 -18.97 22.70
N THR A 359 15.17 -19.85 21.81
CA THR A 359 16.00 -20.87 21.21
C THR A 359 16.36 -20.59 19.75
N ASP A 360 15.80 -19.54 19.16
CA ASP A 360 16.09 -19.17 17.78
C ASP A 360 16.65 -17.76 17.74
N PRO A 361 17.97 -17.59 17.75
CA PRO A 361 18.55 -16.23 17.66
C PRO A 361 18.31 -15.52 16.34
N ARG A 362 17.77 -16.19 15.31
CA ARG A 362 17.48 -15.52 14.06
CA ARG A 362 17.47 -15.55 14.05
C ARG A 362 16.12 -14.84 14.04
N THR A 363 15.25 -15.15 15.02
CA THR A 363 13.96 -14.50 15.07
C THR A 363 14.10 -13.04 15.51
N PHE A 364 13.40 -12.16 14.80
CA PHE A 364 13.43 -10.72 15.01
C PHE A 364 12.02 -10.22 14.71
N VAL A 365 11.39 -9.55 15.67
CA VAL A 365 10.00 -9.12 15.52
C VAL A 365 9.96 -7.63 15.20
N VAL A 366 9.15 -7.27 14.20
CA VAL A 366 8.97 -5.89 13.76
C VAL A 366 7.48 -5.55 13.88
N THR A 367 7.17 -4.42 14.51
CA THR A 367 5.80 -3.94 14.55
C THR A 367 5.76 -2.50 14.07
N PRO A 368 4.69 -2.10 13.38
CA PRO A 368 4.52 -0.68 13.07
C PRO A 368 3.62 -0.01 14.11
N ALA A 369 4.22 0.36 15.24
CA ALA A 369 3.61 1.15 16.30
C ALA A 369 2.52 0.41 17.08
N MET A 370 2.46 -0.92 17.02
CA MET A 370 1.40 -1.63 17.72
C MET A 370 1.96 -2.67 18.70
N ARG A 371 2.97 -2.27 19.47
CA ARG A 371 3.53 -3.16 20.48
C ARG A 371 2.46 -3.68 21.44
N GLU A 372 1.58 -2.79 21.91
CA GLU A 372 0.56 -3.22 22.86
C GLU A 372 -0.49 -4.08 22.18
N GLY A 373 -1.06 -3.60 21.08
CA GLY A 373 -2.17 -4.31 20.44
C GLY A 373 -1.79 -5.70 19.96
N SER A 374 -0.60 -5.84 19.37
CA SER A 374 -0.15 -7.14 18.86
C SER A 374 0.34 -8.07 19.96
N GLY A 375 0.41 -7.60 21.21
CA GLY A 375 0.76 -8.46 22.33
C GLY A 375 2.25 -8.61 22.56
N LEU A 376 3.05 -7.59 22.23
CA LEU A 376 4.50 -7.70 22.19
C LEU A 376 5.18 -6.95 23.34
N VAL A 377 4.45 -6.57 24.38
CA VAL A 377 5.08 -5.84 25.48
C VAL A 377 6.13 -6.69 26.16
N GLU A 378 5.78 -7.92 26.53
CA GLU A 378 6.74 -8.79 27.20
CA GLU A 378 6.74 -8.79 27.20
C GLU A 378 7.87 -9.18 26.26
N PHE A 379 7.57 -9.41 24.98
CA PHE A 379 8.63 -9.73 24.02
C PHE A 379 9.67 -8.61 23.97
N SER A 380 9.20 -7.37 23.91
CA SER A 380 10.12 -6.23 23.81
C SER A 380 11.00 -6.13 25.05
N ARG A 381 10.52 -6.62 26.19
CA ARG A 381 11.32 -6.60 27.41
CA ARG A 381 11.31 -6.62 27.42
C ARG A 381 12.26 -7.81 27.50
N VAL A 382 11.81 -8.98 27.04
CA VAL A 382 12.64 -10.17 27.13
C VAL A 382 13.69 -10.21 26.03
N HIS A 383 13.35 -9.71 24.85
CA HIS A 383 14.23 -9.74 23.67
C HIS A 383 14.45 -8.33 23.12
N PRO A 384 15.02 -7.43 23.91
CA PRO A 384 15.13 -6.03 23.43
C PRO A 384 15.99 -5.87 22.19
N HIS A 385 16.93 -6.77 21.96
CA HIS A 385 17.81 -6.69 20.79
C HIS A 385 17.26 -7.44 19.59
N ARG A 386 16.02 -7.92 19.66
CA ARG A 386 15.36 -8.60 18.55
C ARG A 386 13.98 -8.00 18.31
N TYR A 387 13.82 -6.72 18.62
CA TYR A 387 12.55 -6.03 18.54
C TYR A 387 12.74 -4.68 17.85
N LEU A 388 11.82 -4.34 16.95
CA LEU A 388 11.89 -3.08 16.21
C LEU A 388 10.50 -2.49 16.06
N ASP A 389 10.36 -1.21 16.40
CA ASP A 389 9.14 -0.43 16.17
C ASP A 389 9.48 0.63 15.12
N VAL A 390 8.87 0.52 13.94
CA VAL A 390 9.17 1.44 12.84
C VAL A 390 8.20 2.61 12.80
N GLY A 391 7.41 2.78 13.87
CA GLY A 391 6.39 3.81 13.84
C GLY A 391 5.22 3.40 12.96
N ILE A 392 4.40 4.38 12.59
CA ILE A 392 3.21 4.08 11.80
C ILE A 392 3.61 4.02 10.33
N ALA A 393 4.45 3.04 9.98
CA ALA A 393 5.00 2.92 8.64
C ALA A 393 5.03 1.43 8.28
N GLU A 394 3.85 0.87 8.04
CA GLU A 394 3.74 -0.53 7.66
C GLU A 394 4.63 -0.86 6.47
N GLU A 395 4.73 0.07 5.52
CA GLU A 395 5.59 -0.14 4.35
CA GLU A 395 5.59 -0.14 4.35
C GLU A 395 7.04 -0.38 4.77
N VAL A 396 7.51 0.36 5.78
CA VAL A 396 8.88 0.20 6.24
C VAL A 396 9.04 -1.10 7.02
N ALA A 397 8.02 -1.50 7.77
CA ALA A 397 8.11 -2.71 8.57
C ALA A 397 8.35 -3.94 7.69
N VAL A 398 7.62 -4.03 6.58
CA VAL A 398 7.70 -5.22 5.74
C VAL A 398 9.02 -5.25 4.97
N THR A 399 9.42 -4.12 4.38
CA THR A 399 10.65 -4.12 3.59
C THR A 399 11.89 -4.21 4.49
N THR A 400 11.84 -3.65 5.70
CA THR A 400 12.93 -3.88 6.64
C THR A 400 13.07 -5.36 6.96
N ALA A 401 11.93 -6.04 7.19
CA ALA A 401 11.97 -7.49 7.41
C ALA A 401 12.52 -8.21 6.19
N ALA A 402 12.20 -7.73 4.98
CA ALA A 402 12.77 -8.34 3.78
C ALA A 402 14.30 -8.27 3.81
N GLY A 403 14.85 -7.10 4.16
CA GLY A 403 16.30 -6.98 4.25
C GLY A 403 16.90 -7.89 5.31
N MET A 404 16.21 -8.03 6.45
CA MET A 404 16.70 -8.95 7.48
C MET A 404 16.74 -10.38 6.96
N ALA A 405 15.69 -10.79 6.25
CA ALA A 405 15.64 -12.15 5.72
C ALA A 405 16.74 -12.37 4.69
N LEU A 406 17.06 -11.35 3.89
CA LEU A 406 18.15 -11.46 2.93
C LEU A 406 19.50 -11.68 3.62
N GLN A 407 19.64 -11.23 4.87
CA GLN A 407 20.87 -11.44 5.62
C GLN A 407 20.77 -12.59 6.61
N GLY A 408 19.85 -13.52 6.38
CA GLY A 408 19.83 -14.77 7.12
C GLY A 408 18.99 -14.79 8.37
N MET A 409 18.24 -13.73 8.66
CA MET A 409 17.39 -13.71 9.83
C MET A 409 16.04 -14.36 9.50
N ARG A 410 15.23 -14.55 10.54
CA ARG A 410 13.90 -15.12 10.41
C ARG A 410 12.89 -14.11 10.97
N PRO A 411 12.69 -13.00 10.28
CA PRO A 411 11.85 -11.93 10.84
C PRO A 411 10.38 -12.31 10.88
N VAL A 412 9.71 -11.79 11.89
CA VAL A 412 8.26 -11.88 12.04
C VAL A 412 7.73 -10.45 12.00
N VAL A 413 6.82 -10.19 11.07
CA VAL A 413 6.09 -8.92 11.04
C VAL A 413 4.77 -9.14 11.76
N ALA A 414 4.61 -8.50 12.91
CA ALA A 414 3.33 -8.47 13.61
C ALA A 414 2.56 -7.26 13.12
N ILE A 415 1.34 -7.47 12.63
CA ILE A 415 0.60 -6.40 11.96
C ILE A 415 -0.87 -6.77 11.92
N TYR A 416 -1.75 -5.78 12.07
CA TYR A 416 -3.18 -6.00 11.92
C TYR A 416 -3.52 -6.18 10.44
N SER A 417 -4.55 -6.97 10.18
CA SER A 417 -4.99 -7.18 8.80
C SER A 417 -5.28 -5.85 8.10
N THR A 418 -6.03 -4.96 8.76
CA THR A 418 -6.40 -3.71 8.08
C THR A 418 -5.17 -2.86 7.77
N PHE A 419 -4.16 -2.89 8.63
CA PHE A 419 -2.97 -2.09 8.40
C PHE A 419 -1.99 -2.77 7.42
N LEU A 420 -2.04 -4.09 7.29
CA LEU A 420 -1.24 -4.77 6.27
C LEU A 420 -1.59 -4.30 4.87
N GLN A 421 -2.80 -3.78 4.67
CA GLN A 421 -3.18 -3.21 3.37
C GLN A 421 -2.19 -2.14 2.91
N ARG A 422 -1.62 -1.40 3.84
CA ARG A 422 -0.64 -0.37 3.52
C ARG A 422 0.64 -0.94 2.92
N ALA A 423 0.93 -2.21 3.18
CA ALA A 423 2.18 -2.81 2.74
C ALA A 423 1.98 -3.84 1.65
N TYR A 424 0.86 -3.75 0.91
CA TYR A 424 0.57 -4.72 -0.13
C TYR A 424 1.72 -4.84 -1.12
N ASP A 425 2.19 -3.71 -1.66
CA ASP A 425 3.27 -3.78 -2.64
C ASP A 425 4.57 -4.25 -2.02
N GLN A 426 4.81 -3.92 -0.76
CA GLN A 426 6.05 -4.38 -0.12
C GLN A 426 6.03 -5.88 0.09
N VAL A 427 4.86 -6.45 0.42
CA VAL A 427 4.76 -7.91 0.48
C VAL A 427 5.03 -8.51 -0.89
N LEU A 428 4.36 -7.98 -1.91
CA LEU A 428 4.44 -8.57 -3.24
C LEU A 428 5.83 -8.37 -3.84
N HIS A 429 6.30 -7.13 -3.89
CA HIS A 429 7.53 -6.80 -4.62
C HIS A 429 8.78 -7.09 -3.80
N ASP A 430 8.78 -6.75 -2.51
CA ASP A 430 10.01 -6.84 -1.72
C ASP A 430 10.18 -8.17 -1.01
N VAL A 431 9.12 -8.93 -0.79
CA VAL A 431 9.18 -10.21 -0.09
C VAL A 431 8.94 -11.39 -1.04
N ALA A 432 7.89 -11.32 -1.85
CA ALA A 432 7.42 -12.48 -2.59
C ALA A 432 8.24 -12.78 -3.84
N ILE A 433 8.76 -11.75 -4.51
CA ILE A 433 9.48 -11.98 -5.77
C ILE A 433 10.68 -12.90 -5.55
N GLU A 434 11.45 -12.65 -4.49
CA GLU A 434 12.56 -13.53 -4.14
C GLU A 434 12.20 -14.55 -3.07
N HIS A 435 10.92 -14.69 -2.74
CA HIS A 435 10.43 -15.76 -1.86
C HIS A 435 11.16 -15.74 -0.51
N LEU A 436 11.15 -14.57 0.14
CA LEU A 436 11.98 -14.33 1.30
C LEU A 436 11.33 -14.84 2.59
N ASN A 437 12.17 -15.09 3.59
CA ASN A 437 11.76 -15.67 4.88
C ASN A 437 11.17 -14.61 5.81
N VAL A 438 10.02 -14.07 5.42
CA VAL A 438 9.25 -13.20 6.30
C VAL A 438 7.98 -13.93 6.72
N THR A 439 7.76 -13.97 8.03
CA THR A 439 6.53 -14.52 8.60
C THR A 439 5.65 -13.37 9.07
N PHE A 440 4.38 -13.39 8.64
CA PHE A 440 3.41 -12.36 9.00
C PHE A 440 2.43 -12.95 10.00
N CYS A 441 2.40 -12.40 11.20
CA CYS A 441 1.41 -12.77 12.21
C CYS A 441 0.37 -11.67 12.27
N ILE A 442 -0.82 -11.97 11.75
CA ILE A 442 -1.80 -10.97 11.37
C ILE A 442 -2.94 -10.99 12.38
N ASP A 443 -3.00 -9.97 13.22
CA ASP A 443 -4.00 -9.82 14.26
C ASP A 443 -5.20 -9.04 13.69
N ARG A 444 -6.30 -9.02 14.45
CA ARG A 444 -7.52 -8.31 14.05
C ARG A 444 -7.96 -8.71 12.64
N ALA A 445 -7.82 -9.99 12.33
CA ALA A 445 -8.25 -10.51 11.04
C ALA A 445 -9.77 -10.74 11.07
N GLY A 446 -10.43 -10.34 10.00
CA GLY A 446 -11.88 -10.38 9.97
C GLY A 446 -12.48 -9.10 10.53
N ILE A 447 -13.77 -9.19 10.84
CA ILE A 447 -14.50 -8.05 11.40
C ILE A 447 -13.94 -7.72 12.78
N VAL A 448 -13.60 -6.46 13.00
CA VAL A 448 -13.18 -6.00 14.32
C VAL A 448 -14.33 -5.37 15.09
N GLY A 449 -15.36 -4.89 14.40
CA GLY A 449 -16.56 -4.45 15.08
C GLY A 449 -16.66 -2.95 15.27
N ALA A 450 -16.48 -2.49 16.50
CA ALA A 450 -16.79 -1.11 16.87
C ALA A 450 -15.96 -0.09 16.11
N ASP A 451 -14.78 -0.47 15.62
CA ASP A 451 -13.95 0.48 14.88
C ASP A 451 -14.46 0.72 13.46
N GLY A 452 -15.34 -0.14 12.95
CA GLY A 452 -16.03 0.17 11.72
C GLY A 452 -15.22 -0.12 10.45
N ALA A 453 -15.68 0.51 9.37
CA ALA A 453 -15.22 0.14 8.02
C ALA A 453 -13.74 0.45 7.81
N THR A 454 -13.20 1.49 8.46
CA THR A 454 -11.79 1.80 8.26
C THR A 454 -10.88 0.75 8.87
N HIS A 455 -11.38 -0.08 9.79
CA HIS A 455 -10.54 -1.02 10.53
C HIS A 455 -10.89 -2.49 10.32
N ASN A 456 -12.02 -2.81 9.71
CA ASN A 456 -12.40 -4.21 9.56
C ASN A 456 -11.45 -4.91 8.61
N GLY A 457 -10.71 -5.91 9.12
CA GLY A 457 -9.71 -6.57 8.32
C GLY A 457 -10.25 -7.75 7.52
N VAL A 458 -11.10 -7.47 6.54
CA VAL A 458 -11.83 -8.52 5.84
C VAL A 458 -11.32 -8.70 4.41
N PHE A 459 -10.09 -8.27 4.13
CA PHE A 459 -9.57 -8.37 2.77
C PHE A 459 -8.29 -9.20 2.64
N ASP A 460 -7.64 -9.59 3.74
CA ASP A 460 -6.32 -10.20 3.60
C ASP A 460 -6.37 -11.57 2.93
N LEU A 461 -7.47 -12.31 3.08
CA LEU A 461 -7.55 -13.59 2.38
C LEU A 461 -7.69 -13.40 0.87
N SER A 462 -8.08 -12.19 0.44
CA SER A 462 -8.16 -11.89 -0.98
C SER A 462 -6.86 -11.30 -1.52
N PHE A 463 -6.32 -10.25 -0.89
CA PHE A 463 -5.17 -9.61 -1.50
C PHE A 463 -3.88 -10.41 -1.29
N LEU A 464 -3.76 -11.17 -0.19
CA LEU A 464 -2.56 -12.01 -0.03
C LEU A 464 -2.60 -13.22 -0.96
N ARG A 465 -3.79 -13.77 -1.22
CA ARG A 465 -3.91 -15.02 -1.93
C ARG A 465 -3.43 -14.91 -3.37
N SER A 466 -3.53 -13.73 -3.98
CA SER A 466 -3.13 -13.58 -5.37
C SER A 466 -1.65 -13.24 -5.53
N ILE A 467 -0.89 -13.21 -4.44
CA ILE A 467 0.55 -12.99 -4.50
C ILE A 467 1.24 -14.35 -4.61
N PRO A 468 2.05 -14.59 -5.63
CA PRO A 468 2.73 -15.89 -5.74
C PRO A 468 3.60 -16.19 -4.53
N GLY A 469 3.47 -17.43 -4.03
CA GLY A 469 4.35 -17.92 -2.98
C GLY A 469 4.01 -17.53 -1.56
N VAL A 470 2.95 -16.77 -1.33
CA VAL A 470 2.56 -16.36 0.02
C VAL A 470 1.59 -17.40 0.58
N ARG A 471 2.07 -18.20 1.54
CA ARG A 471 1.23 -19.17 2.20
C ARG A 471 0.38 -18.50 3.28
N ILE A 472 -0.83 -19.03 3.50
CA ILE A 472 -1.81 -18.39 4.37
C ILE A 472 -2.44 -19.45 5.27
N GLY A 473 -2.36 -19.25 6.58
CA GLY A 473 -2.95 -20.17 7.53
C GLY A 473 -3.87 -19.48 8.51
N LEU A 474 -4.87 -20.23 8.96
CA LEU A 474 -5.85 -19.78 9.95
C LEU A 474 -5.86 -20.76 11.12
N PRO A 475 -5.27 -20.42 12.26
CA PRO A 475 -5.19 -21.38 13.36
C PRO A 475 -6.51 -21.45 14.14
N LYS A 476 -6.90 -22.68 14.48
CA LYS A 476 -8.14 -22.84 15.23
C LYS A 476 -7.96 -22.56 16.73
N ASP A 477 -6.75 -22.72 17.25
CA ASP A 477 -6.47 -22.48 18.66
C ASP A 477 -5.00 -22.10 18.81
N ALA A 478 -4.56 -21.92 20.06
CA ALA A 478 -3.19 -21.50 20.31
C ALA A 478 -2.18 -22.58 19.95
N ALA A 479 -2.53 -23.86 20.10
CA ALA A 479 -1.62 -24.92 19.72
C ALA A 479 -1.39 -24.92 18.21
N GLU A 480 -2.45 -24.68 17.44
CA GLU A 480 -2.30 -24.61 15.98
C GLU A 480 -1.56 -23.35 15.56
N LEU A 481 -1.75 -22.24 16.28
CA LEU A 481 -0.96 -21.03 16.03
C LEU A 481 0.52 -21.32 16.21
N ARG A 482 0.88 -21.99 17.31
CA ARG A 482 2.27 -22.36 17.53
C ARG A 482 2.78 -23.31 16.46
N GLY A 483 1.95 -24.26 16.03
CA GLY A 483 2.36 -25.16 14.96
C GLY A 483 2.65 -24.42 13.66
N MET A 484 1.83 -23.43 13.34
CA MET A 484 2.03 -22.66 12.10
C MET A 484 3.22 -21.72 12.22
N LEU A 485 3.40 -21.10 13.39
CA LEU A 485 4.58 -20.27 13.60
C LEU A 485 5.86 -21.09 13.52
N LYS A 486 5.88 -22.26 14.14
CA LYS A 486 7.01 -23.17 14.04
C LYS A 486 7.30 -23.53 12.59
N TYR A 487 6.27 -23.93 11.84
CA TYR A 487 6.48 -24.27 10.44
C TYR A 487 7.04 -23.09 9.66
N ALA A 488 6.44 -21.90 9.83
CA ALA A 488 6.85 -20.74 9.05
C ALA A 488 8.30 -20.35 9.33
N GLN A 489 8.71 -20.43 10.59
CA GLN A 489 10.06 -20.03 10.97
C GLN A 489 11.12 -21.04 10.56
N THR A 490 10.73 -22.23 10.10
CA THR A 490 11.69 -23.27 9.74
C THR A 490 11.57 -23.70 8.28
N HIS A 491 10.79 -23.01 7.46
CA HIS A 491 10.64 -23.36 6.06
C HIS A 491 10.83 -22.13 5.17
N ASP A 492 11.18 -22.39 3.91
CA ASP A 492 11.56 -21.32 3.00
CA ASP A 492 11.56 -21.33 2.98
C ASP A 492 10.33 -20.52 2.56
N GLY A 493 10.55 -19.23 2.36
CA GLY A 493 9.53 -18.37 1.79
C GLY A 493 8.62 -17.71 2.79
N PRO A 494 7.70 -16.89 2.30
CA PRO A 494 6.81 -16.14 3.18
C PRO A 494 5.58 -16.95 3.60
N PHE A 495 5.16 -16.70 4.84
CA PHE A 495 3.99 -17.34 5.42
C PHE A 495 3.17 -16.27 6.14
N ALA A 496 1.85 -16.35 6.01
CA ALA A 496 0.93 -15.46 6.71
C ALA A 496 0.02 -16.27 7.61
N ILE A 497 -0.14 -15.82 8.84
CA ILE A 497 -0.98 -16.47 9.85
C ILE A 497 -1.93 -15.42 10.40
N ARG A 498 -3.24 -15.60 10.17
CA ARG A 498 -4.22 -14.56 10.51
C ARG A 498 -5.21 -15.08 11.54
N TYR A 499 -5.49 -14.26 12.55
CA TYR A 499 -6.35 -14.63 13.66
C TYR A 499 -7.13 -13.39 14.11
N PRO A 500 -8.31 -13.57 14.69
CA PRO A 500 -9.19 -12.43 14.95
C PRO A 500 -8.89 -11.73 16.26
N ARG A 501 -9.44 -10.51 16.38
CA ARG A 501 -9.65 -9.92 17.68
C ARG A 501 -10.56 -10.83 18.49
N GLY A 502 -10.14 -11.18 19.69
CA GLY A 502 -10.91 -12.10 20.50
C GLY A 502 -9.98 -13.00 21.29
N ASN A 503 -10.58 -14.00 21.94
CA ASN A 503 -9.88 -14.79 22.94
C ASN A 503 -9.76 -16.24 22.50
N THR A 504 -8.77 -16.91 23.09
CA THR A 504 -8.58 -18.34 22.88
C THR A 504 -7.87 -18.90 24.12
N ALA A 505 -8.02 -20.20 24.32
CA ALA A 505 -7.49 -20.82 25.53
C ALA A 505 -5.96 -20.80 25.52
N GLN A 506 -5.39 -20.57 26.70
CA GLN A 506 -3.95 -20.67 26.87
C GLN A 506 -3.50 -22.13 26.78
N VAL A 507 -2.30 -22.33 26.23
CA VAL A 507 -1.73 -23.67 26.13
C VAL A 507 -0.42 -23.67 26.93
N PRO A 508 0.04 -24.85 27.36
CA PRO A 508 1.27 -24.90 28.16
C PRO A 508 2.47 -24.42 27.37
N ALA A 509 3.43 -23.82 28.07
CA ALA A 509 4.71 -23.51 27.46
C ALA A 509 5.33 -24.80 26.92
N GLY A 510 6.07 -24.68 25.84
CA GLY A 510 6.62 -25.86 25.20
C GLY A 510 5.67 -26.58 24.27
N THR A 511 4.50 -26.01 24.00
CA THR A 511 3.56 -26.56 23.03
C THR A 511 4.04 -26.18 21.63
N TRP A 512 4.61 -27.13 20.91
CA TRP A 512 5.12 -26.87 19.56
C TRP A 512 4.82 -28.08 18.67
N PRO A 513 3.56 -28.25 18.27
CA PRO A 513 3.20 -29.40 17.44
C PRO A 513 3.75 -29.27 16.03
N ASP A 514 4.02 -30.42 15.42
CA ASP A 514 4.37 -30.48 14.01
C ASP A 514 3.12 -30.62 13.17
N LEU A 515 2.95 -29.72 12.20
CA LEU A 515 1.86 -29.85 11.24
C LEU A 515 2.44 -29.78 9.83
N LYS A 516 1.69 -30.34 8.89
CA LYS A 516 2.06 -30.29 7.48
C LYS A 516 1.29 -29.12 6.87
N TRP A 517 2.03 -28.07 6.48
CA TRP A 517 1.38 -26.91 5.92
C TRP A 517 0.62 -27.28 4.66
N GLY A 518 -0.65 -26.91 4.60
CA GLY A 518 -1.48 -27.20 3.45
C GLY A 518 -2.46 -28.34 3.62
N GLU A 519 -2.35 -29.13 4.69
CA GLU A 519 -3.29 -30.22 4.94
CA GLU A 519 -3.31 -30.21 4.91
C GLU A 519 -4.37 -29.76 5.91
N TRP A 520 -5.63 -29.98 5.54
CA TRP A 520 -6.75 -29.66 6.40
C TRP A 520 -6.95 -30.80 7.41
N GLU A 521 -7.94 -30.65 8.29
CA GLU A 521 -8.27 -31.70 9.25
C GLU A 521 -9.78 -31.79 9.38
N ARG A 522 -10.33 -32.97 9.13
CA ARG A 522 -11.76 -33.19 9.35
C ARG A 522 -12.04 -33.24 10.84
N LEU A 523 -13.05 -32.49 11.28
CA LEU A 523 -13.44 -32.46 12.69
C LEU A 523 -14.80 -33.07 12.97
N LYS A 524 -15.66 -33.20 11.95
CA LYS A 524 -16.98 -33.80 12.10
C LYS A 524 -17.26 -34.69 10.90
N GLY A 525 -17.76 -35.89 11.16
CA GLY A 525 -18.07 -36.81 10.09
C GLY A 525 -19.29 -36.38 9.29
N GLY A 526 -19.34 -36.85 8.05
CA GLY A 526 -20.46 -36.54 7.16
C GLY A 526 -20.00 -36.32 5.73
N ASP A 527 -20.68 -36.95 4.78
CA ASP A 527 -20.35 -36.81 3.37
C ASP A 527 -21.46 -36.17 2.55
N ASP A 528 -22.68 -36.04 3.10
CA ASP A 528 -23.80 -35.43 2.41
C ASP A 528 -23.53 -33.96 2.14
N VAL A 529 -23.48 -33.16 3.22
CA VAL A 529 -23.12 -31.76 3.15
C VAL A 529 -21.92 -31.56 4.04
N VAL A 530 -20.90 -30.86 3.53
CA VAL A 530 -19.66 -30.64 4.25
C VAL A 530 -19.39 -29.14 4.33
N ILE A 531 -19.09 -28.65 5.53
CA ILE A 531 -18.73 -27.25 5.74
C ILE A 531 -17.22 -27.14 5.79
N LEU A 532 -16.67 -26.21 5.02
CA LEU A 532 -15.24 -25.91 5.02
C LEU A 532 -15.05 -24.54 5.63
N ALA A 533 -14.28 -24.46 6.72
CA ALA A 533 -14.10 -23.20 7.42
C ALA A 533 -12.87 -23.27 8.30
N GLY A 534 -12.27 -22.10 8.54
CA GLY A 534 -11.15 -21.99 9.45
C GLY A 534 -11.32 -20.84 10.41
N GLY A 535 -10.54 -20.88 11.49
CA GLY A 535 -10.51 -19.77 12.43
C GLY A 535 -11.87 -19.47 13.02
N LYS A 536 -12.22 -18.18 13.05
CA LYS A 536 -13.49 -17.77 13.64
C LYS A 536 -14.67 -18.39 12.89
N ALA A 537 -14.57 -18.51 11.57
CA ALA A 537 -15.64 -19.13 10.81
C ALA A 537 -15.83 -20.59 11.18
N LEU A 538 -14.74 -21.28 11.53
CA LEU A 538 -14.84 -22.68 11.96
C LEU A 538 -15.60 -22.80 13.26
N ASP A 539 -15.40 -21.87 14.20
CA ASP A 539 -16.15 -21.90 15.45
C ASP A 539 -17.65 -21.82 15.18
N TYR A 540 -18.06 -20.96 14.24
CA TYR A 540 -19.46 -20.88 13.86
C TYR A 540 -19.93 -22.20 13.24
N ALA A 541 -19.09 -22.81 12.40
CA ALA A 541 -19.49 -24.03 11.71
C ALA A 541 -19.68 -25.20 12.68
N LEU A 542 -18.75 -25.37 13.63
CA LEU A 542 -18.86 -26.45 14.59
C LEU A 542 -20.08 -26.25 15.49
N LYS A 543 -20.36 -25.00 15.88
CA LYS A 543 -21.54 -24.72 16.67
C LYS A 543 -22.81 -25.02 15.88
N ALA A 544 -22.79 -24.75 14.57
CA ALA A 544 -23.98 -24.96 13.75
C ALA A 544 -24.29 -26.44 13.58
N ALA A 545 -23.26 -27.26 13.38
CA ALA A 545 -23.43 -28.69 13.17
C ALA A 545 -23.41 -29.49 14.47
N GLU A 546 -23.47 -28.82 15.62
CA GLU A 546 -23.25 -29.48 16.91
C GLU A 546 -24.22 -30.64 17.11
N ASP A 547 -25.46 -30.49 16.66
CA ASP A 547 -26.49 -31.50 16.84
C ASP A 547 -26.95 -32.11 15.53
N LEU A 548 -26.13 -32.01 14.47
CA LEU A 548 -26.52 -32.46 13.13
C LEU A 548 -25.57 -33.55 12.65
N PRO A 549 -25.81 -34.80 13.01
CA PRO A 549 -24.97 -35.89 12.48
C PRO A 549 -25.15 -36.01 10.98
N GLY A 550 -24.04 -36.34 10.29
CA GLY A 550 -24.03 -36.36 8.85
C GLY A 550 -23.66 -35.05 8.18
N VAL A 551 -23.59 -33.96 8.94
CA VAL A 551 -23.07 -32.69 8.43
C VAL A 551 -21.57 -32.68 8.74
N GLY A 552 -20.76 -32.86 7.70
CA GLY A 552 -19.33 -32.83 7.91
C GLY A 552 -18.82 -31.41 8.12
N VAL A 553 -17.77 -31.30 8.93
CA VAL A 553 -17.08 -30.04 9.16
C VAL A 553 -15.59 -30.30 9.01
N VAL A 554 -14.95 -29.51 8.15
CA VAL A 554 -13.52 -29.62 7.89
C VAL A 554 -12.85 -28.34 8.34
N ASN A 555 -11.82 -28.47 9.16
CA ASN A 555 -10.99 -27.32 9.52
C ASN A 555 -10.12 -26.96 8.32
N ALA A 556 -10.61 -26.03 7.50
CA ALA A 556 -9.84 -25.51 6.37
C ALA A 556 -8.87 -24.46 6.89
N ARG A 557 -7.86 -24.95 7.61
CA ARG A 557 -6.91 -24.07 8.30
C ARG A 557 -5.85 -23.50 7.37
N PHE A 558 -5.86 -23.87 6.08
CA PHE A 558 -4.93 -23.30 5.12
C PHE A 558 -5.70 -22.79 3.91
N VAL A 559 -5.56 -21.51 3.63
CA VAL A 559 -6.16 -20.89 2.45
C VAL A 559 -5.19 -20.90 1.27
N LYS A 560 -3.89 -20.88 1.53
CA LYS A 560 -2.90 -21.05 0.47
C LYS A 560 -1.73 -21.87 0.98
N PRO A 561 -1.49 -23.07 0.43
CA PRO A 561 -2.37 -23.69 -0.58
C PRO A 561 -3.61 -24.27 0.06
N LEU A 562 -4.62 -24.58 -0.74
CA LEU A 562 -5.71 -25.40 -0.24
C LEU A 562 -5.23 -26.84 -0.09
N ASP A 563 -5.98 -27.63 0.68
CA ASP A 563 -5.74 -29.07 0.72
C ASP A 563 -6.38 -29.65 -0.53
N GLU A 564 -5.62 -29.66 -1.63
CA GLU A 564 -6.15 -30.10 -2.92
C GLU A 564 -6.64 -31.54 -2.85
N GLU A 565 -5.91 -32.40 -2.13
CA GLU A 565 -6.29 -33.81 -2.07
C GLU A 565 -7.62 -33.99 -1.34
N MET A 566 -7.80 -33.31 -0.21
CA MET A 566 -9.05 -33.48 0.53
C MET A 566 -10.21 -32.79 -0.18
N LEU A 567 -9.97 -31.64 -0.80
CA LEU A 567 -11.03 -30.95 -1.53
C LEU A 567 -11.51 -31.79 -2.71
N ARG A 568 -10.59 -32.46 -3.41
CA ARG A 568 -10.99 -33.31 -4.52
C ARG A 568 -11.90 -34.44 -4.04
N GLU A 569 -11.53 -35.08 -2.93
CA GLU A 569 -12.34 -36.18 -2.41
C GLU A 569 -13.69 -35.69 -1.91
N VAL A 570 -13.69 -34.62 -1.11
CA VAL A 570 -14.93 -34.11 -0.53
C VAL A 570 -15.80 -33.48 -1.62
N GLY A 571 -15.19 -32.76 -2.56
CA GLY A 571 -15.95 -32.14 -3.62
C GLY A 571 -16.57 -33.13 -4.58
N GLY A 572 -15.97 -34.30 -4.72
CA GLY A 572 -16.50 -35.29 -5.64
C GLY A 572 -17.56 -36.17 -5.02
N ARG A 573 -17.59 -36.24 -3.69
CA ARG A 573 -18.50 -37.14 -2.99
C ARG A 573 -19.70 -36.43 -2.37
N ALA A 574 -19.57 -35.15 -2.04
CA ALA A 574 -20.67 -34.41 -1.43
C ALA A 574 -21.60 -33.86 -2.49
N ARG A 575 -22.89 -33.79 -2.15
CA ARG A 575 -23.83 -33.12 -3.03
C ARG A 575 -23.76 -31.60 -2.89
N ALA A 576 -23.36 -31.11 -1.71
CA ALA A 576 -23.24 -29.67 -1.51
C ALA A 576 -22.13 -29.38 -0.51
N LEU A 577 -21.45 -28.26 -0.72
CA LEU A 577 -20.44 -27.74 0.18
C LEU A 577 -20.85 -26.36 0.68
N ILE A 578 -20.41 -26.03 1.89
CA ILE A 578 -20.52 -24.67 2.42
C ILE A 578 -19.12 -24.19 2.78
N THR A 579 -18.73 -23.05 2.23
CA THR A 579 -17.53 -22.37 2.67
C THR A 579 -17.93 -21.18 3.53
N VAL A 580 -17.20 -20.98 4.62
CA VAL A 580 -17.44 -19.87 5.54
C VAL A 580 -16.12 -19.17 5.80
N GLU A 581 -16.13 -17.85 5.76
CA GLU A 581 -14.90 -17.10 5.98
C GLU A 581 -15.23 -15.75 6.62
N ASP A 582 -14.36 -15.32 7.54
CA ASP A 582 -14.42 -13.97 8.13
C ASP A 582 -13.60 -13.04 7.24
N ASN A 583 -14.13 -12.83 6.04
CA ASN A 583 -13.44 -12.17 4.94
C ASN A 583 -14.48 -11.89 3.87
N THR A 584 -14.18 -10.93 2.98
CA THR A 584 -15.10 -10.67 1.88
C THR A 584 -15.28 -11.93 1.04
N VAL A 585 -16.49 -12.11 0.50
CA VAL A 585 -16.74 -13.22 -0.41
C VAL A 585 -16.05 -13.03 -1.75
N VAL A 586 -15.52 -11.84 -2.02
CA VAL A 586 -14.92 -11.53 -3.32
C VAL A 586 -13.46 -11.96 -3.30
N GLY A 587 -13.15 -13.02 -4.05
CA GLY A 587 -11.78 -13.44 -4.24
C GLY A 587 -11.10 -14.04 -3.02
N GLY A 588 -11.87 -14.40 -1.99
CA GLY A 588 -11.27 -14.93 -0.78
C GLY A 588 -11.23 -16.44 -0.75
N PHE A 589 -11.54 -17.03 0.41
CA PHE A 589 -11.46 -18.48 0.56
C PHE A 589 -12.50 -19.18 -0.31
N GLY A 590 -13.74 -18.69 -0.30
CA GLY A 590 -14.75 -19.27 -1.16
C GLY A 590 -14.37 -19.21 -2.63
N GLY A 591 -13.84 -18.08 -3.08
CA GLY A 591 -13.36 -17.99 -4.45
C GLY A 591 -12.24 -18.98 -4.73
N ALA A 592 -11.35 -19.18 -3.76
CA ALA A 592 -10.28 -20.16 -3.93
C ALA A 592 -10.84 -21.57 -4.11
N VAL A 593 -11.86 -21.92 -3.33
CA VAL A 593 -12.46 -23.25 -3.46
C VAL A 593 -13.12 -23.41 -4.82
N LEU A 594 -13.84 -22.38 -5.27
CA LEU A 594 -14.48 -22.45 -6.59
C LEU A 594 -13.46 -22.56 -7.71
N GLU A 595 -12.35 -21.84 -7.60
CA GLU A 595 -11.29 -21.96 -8.60
C GLU A 595 -10.70 -23.36 -8.62
N ALA A 596 -10.43 -23.92 -7.44
CA ALA A 596 -9.86 -25.26 -7.36
C ALA A 596 -10.83 -26.32 -7.85
N LEU A 597 -12.10 -26.21 -7.45
CA LEU A 597 -13.11 -27.15 -7.93
C LEU A 597 -13.23 -27.09 -9.44
N ASN A 598 -13.17 -25.90 -10.02
CA ASN A 598 -13.28 -25.79 -11.47
C ASN A 598 -12.08 -26.42 -12.17
N SER A 599 -10.88 -26.27 -11.60
CA SER A 599 -9.70 -26.91 -12.17
C SER A 599 -9.80 -28.43 -12.13
N MET A 600 -10.51 -28.97 -11.15
CA MET A 600 -10.72 -30.41 -11.04
C MET A 600 -11.97 -30.87 -11.78
N ASN A 601 -12.67 -29.96 -12.46
CA ASN A 601 -13.91 -30.27 -13.19
C ASN A 601 -14.95 -30.92 -12.27
N LEU A 602 -14.99 -30.47 -11.02
CA LEU A 602 -16.01 -30.88 -10.08
C LEU A 602 -17.04 -29.77 -9.93
N HIS A 603 -18.32 -30.14 -9.92
CA HIS A 603 -19.41 -29.15 -9.90
C HIS A 603 -20.45 -29.50 -8.84
N PRO A 604 -20.05 -29.58 -7.58
CA PRO A 604 -21.05 -29.72 -6.51
C PRO A 604 -21.71 -28.39 -6.24
N THR A 605 -22.87 -28.45 -5.61
CA THR A 605 -23.49 -27.22 -5.11
C THR A 605 -22.60 -26.63 -4.03
N VAL A 606 -22.34 -25.32 -4.12
CA VAL A 606 -21.47 -24.63 -3.16
C VAL A 606 -22.17 -23.35 -2.73
N ARG A 607 -22.32 -23.18 -1.42
CA ARG A 607 -22.82 -21.94 -0.83
CA ARG A 607 -22.83 -21.95 -0.83
C ARG A 607 -21.64 -21.21 -0.21
N VAL A 608 -21.29 -20.07 -0.77
CA VAL A 608 -20.16 -19.28 -0.28
C VAL A 608 -20.68 -18.26 0.72
N LEU A 609 -20.27 -18.40 1.97
CA LEU A 609 -20.69 -17.52 3.05
C LEU A 609 -19.51 -16.67 3.50
N GLY A 610 -19.74 -15.37 3.63
CA GLY A 610 -18.68 -14.47 4.03
C GLY A 610 -19.24 -13.06 4.14
N ILE A 611 -18.33 -12.10 4.25
CA ILE A 611 -18.74 -10.70 4.32
C ILE A 611 -19.14 -10.23 2.92
N PRO A 612 -20.28 -9.59 2.74
CA PRO A 612 -20.66 -9.12 1.40
C PRO A 612 -19.72 -8.04 0.91
N ASP A 613 -19.80 -7.78 -0.41
CA ASP A 613 -18.96 -6.78 -1.07
C ASP A 613 -19.42 -5.37 -0.71
N GLU A 614 -19.49 -5.07 0.59
CA GLU A 614 -19.90 -3.76 1.08
C GLU A 614 -19.14 -3.51 2.36
N PHE A 615 -18.72 -2.26 2.57
CA PHE A 615 -18.07 -1.92 3.82
C PHE A 615 -19.05 -2.07 4.98
N GLN A 616 -18.55 -2.53 6.13
CA GLN A 616 -19.38 -2.84 7.28
C GLN A 616 -19.20 -1.74 8.33
N GLU A 617 -20.30 -1.06 8.65
CA GLU A 617 -20.27 0.01 9.64
C GLU A 617 -20.02 -0.54 11.04
N HIS A 618 -19.66 0.36 11.94
CA HIS A 618 -19.39 -0.02 13.33
C HIS A 618 -20.60 -0.69 13.97
N ALA A 619 -20.34 -1.80 14.66
CA ALA A 619 -21.32 -2.62 15.36
C ALA A 619 -20.53 -3.71 16.06
N THR A 620 -21.16 -4.59 16.82
CA THR A 620 -20.40 -5.74 17.31
C THR A 620 -20.10 -6.68 16.15
N ALA A 621 -19.00 -7.43 16.28
CA ALA A 621 -18.69 -8.44 15.28
C ALA A 621 -19.83 -9.45 15.18
N GLU A 622 -20.46 -9.78 16.31
CA GLU A 622 -21.59 -10.70 16.31
C GLU A 622 -22.74 -10.17 15.47
N SER A 623 -23.02 -8.87 15.59
CA SER A 623 -24.09 -8.27 14.78
C SER A 623 -23.73 -8.26 13.31
N VAL A 624 -22.49 -7.87 12.97
CA VAL A 624 -22.06 -7.90 11.58
C VAL A 624 -22.16 -9.32 11.02
N HIS A 625 -21.67 -10.29 11.78
CA HIS A 625 -21.66 -11.67 11.30
C HIS A 625 -23.07 -12.23 11.18
N ALA A 626 -23.96 -11.84 12.10
CA ALA A 626 -25.35 -12.26 11.99
C ALA A 626 -25.98 -11.77 10.70
N ARG A 627 -25.77 -10.49 10.38
CA ARG A 627 -26.37 -9.91 9.18
C ARG A 627 -25.61 -10.30 7.91
N ALA A 628 -24.30 -10.56 8.01
CA ALA A 628 -23.57 -11.06 6.86
C ALA A 628 -23.94 -12.51 6.55
N GLY A 629 -24.43 -13.25 7.53
CA GLY A 629 -24.88 -14.61 7.30
C GLY A 629 -23.83 -15.68 7.49
N ILE A 630 -22.88 -15.50 8.41
CA ILE A 630 -21.86 -16.50 8.68
C ILE A 630 -21.90 -17.04 10.10
N ASP A 631 -22.76 -16.52 10.97
CA ASP A 631 -22.80 -17.06 12.32
C ASP A 631 -23.56 -18.39 12.34
N ALA A 632 -23.58 -19.05 13.49
CA ALA A 632 -24.15 -20.39 13.57
C ALA A 632 -25.63 -20.44 13.16
N PRO A 633 -26.51 -19.53 13.58
CA PRO A 633 -27.90 -19.60 13.08
C PRO A 633 -28.01 -19.43 11.58
N ALA A 634 -27.19 -18.57 10.98
CA ALA A 634 -27.26 -18.38 9.54
C ALA A 634 -26.78 -19.63 8.79
N ILE A 635 -25.77 -20.32 9.33
CA ILE A 635 -25.30 -21.55 8.71
C ILE A 635 -26.38 -22.63 8.78
N ARG A 636 -27.09 -22.73 9.92
CA ARG A 636 -28.16 -23.70 10.04
C ARG A 636 -29.28 -23.42 9.05
N THR A 637 -29.54 -22.14 8.78
CA THR A 637 -30.52 -21.78 7.76
C THR A 637 -30.07 -22.25 6.38
N VAL A 638 -28.79 -22.05 6.05
CA VAL A 638 -28.28 -22.51 4.76
C VAL A 638 -28.32 -24.04 4.67
N LEU A 639 -27.97 -24.72 5.76
CA LEU A 639 -28.04 -26.18 5.77
C LEU A 639 -29.47 -26.66 5.49
N ALA A 640 -30.46 -25.99 6.09
CA ALA A 640 -31.85 -26.35 5.82
C ALA A 640 -32.22 -26.12 4.36
N GLU A 641 -31.72 -25.01 3.77
CA GLU A 641 -31.97 -24.76 2.35
C GLU A 641 -31.37 -25.85 1.47
N LEU A 642 -30.27 -26.45 1.90
CA LEU A 642 -29.62 -27.52 1.15
C LEU A 642 -30.23 -28.88 1.41
N GLY A 643 -31.32 -28.95 2.16
CA GLY A 643 -32.01 -30.21 2.39
C GLY A 643 -31.62 -30.96 3.64
N VAL A 644 -30.80 -30.36 4.50
CA VAL A 644 -30.42 -31.01 5.75
C VAL A 644 -31.59 -30.96 6.72
N ASP A 645 -31.82 -32.08 7.43
CA ASP A 645 -32.90 -32.15 8.42
C ASP A 645 -32.46 -31.40 9.66
N VAL A 646 -32.72 -30.10 9.68
CA VAL A 646 -32.37 -29.23 10.80
C VAL A 646 -33.60 -29.09 11.69
N PRO A 647 -33.48 -29.33 13.00
CA PRO A 647 -34.64 -29.21 13.88
C PRO A 647 -35.27 -27.83 13.79
N ILE A 648 -36.60 -27.80 13.84
CA ILE A 648 -37.34 -26.55 13.72
C ILE A 648 -37.63 -26.02 15.12
N GLU A 649 -37.85 -24.71 15.20
CA GLU A 649 -38.21 -24.03 16.44
C GLU A 649 -39.60 -23.47 16.28
N VAL A 650 -40.56 -24.02 17.03
CA VAL A 650 -41.95 -23.63 16.89
C VAL A 650 -42.67 -23.76 18.23
N SER B 29 41.96 -3.57 -29.01
CA SER B 29 40.78 -3.40 -28.16
C SER B 29 40.68 -1.97 -27.65
N ASP B 30 39.45 -1.46 -27.57
CA ASP B 30 39.19 -0.12 -27.05
C ASP B 30 39.17 -0.07 -25.53
N THR B 31 39.11 -1.21 -24.85
CA THR B 31 38.91 -1.26 -23.40
C THR B 31 39.99 -2.13 -22.77
N PRO B 32 41.25 -1.67 -22.80
CA PRO B 32 42.33 -2.49 -22.21
C PRO B 32 42.16 -2.75 -20.73
N LEU B 33 41.66 -1.76 -19.99
CA LEU B 33 41.50 -1.94 -18.55
C LEU B 33 40.35 -2.91 -18.24
N LEU B 34 39.20 -2.69 -18.89
CA LEU B 34 38.02 -3.53 -18.64
C LEU B 34 38.24 -4.97 -19.07
N ASP B 35 39.11 -5.20 -20.06
CA ASP B 35 39.40 -6.56 -20.51
C ASP B 35 40.01 -7.42 -19.40
N GLN B 36 40.63 -6.79 -18.39
CA GLN B 36 41.28 -7.52 -17.32
C GLN B 36 40.48 -7.52 -16.02
N ILE B 37 39.27 -6.98 -16.03
CA ILE B 37 38.45 -6.87 -14.83
C ILE B 37 37.28 -7.84 -14.98
N HIS B 38 37.31 -8.92 -14.21
CA HIS B 38 36.21 -9.87 -14.14
C HIS B 38 35.45 -9.79 -12.83
N GLY B 39 35.85 -8.91 -11.93
CA GLY B 39 35.19 -8.74 -10.66
C GLY B 39 35.84 -7.62 -9.86
N PRO B 40 35.24 -7.27 -8.72
CA PRO B 40 35.82 -6.19 -7.90
C PRO B 40 37.24 -6.47 -7.43
N LYS B 41 37.63 -7.74 -7.34
CA LYS B 41 39.00 -8.07 -6.97
C LYS B 41 39.98 -7.57 -8.03
N ASP B 42 39.65 -7.78 -9.31
CA ASP B 42 40.50 -7.28 -10.39
C ASP B 42 40.51 -5.76 -10.42
N LEU B 43 39.37 -5.13 -10.11
CA LEU B 43 39.29 -3.66 -10.13
C LEU B 43 40.26 -3.04 -9.14
N LYS B 44 40.40 -3.64 -7.95
CA LYS B 44 41.27 -3.07 -6.94
C LYS B 44 42.75 -3.13 -7.31
N ARG B 45 43.12 -3.90 -8.33
CA ARG B 45 44.51 -3.92 -8.77
C ARG B 45 44.89 -2.66 -9.53
N LEU B 46 43.92 -1.89 -10.01
CA LEU B 46 44.21 -0.62 -10.66
C LEU B 46 44.63 0.42 -9.64
N SER B 47 45.47 1.36 -10.08
CA SER B 47 45.80 2.51 -9.27
C SER B 47 44.68 3.54 -9.34
N ARG B 48 44.64 4.42 -8.34
CA ARG B 48 43.61 5.46 -8.31
C ARG B 48 43.70 6.37 -9.54
N GLU B 49 44.90 6.53 -10.11
CA GLU B 49 45.07 7.38 -11.27
C GLU B 49 44.53 6.72 -12.54
N GLN B 50 44.36 5.41 -12.55
CA GLN B 50 43.77 4.72 -13.69
C GLN B 50 42.24 4.70 -13.66
N LEU B 51 41.63 5.08 -12.53
CA LEU B 51 40.18 5.04 -12.43
C LEU B 51 39.47 5.98 -13.40
N PRO B 52 39.93 7.21 -13.64
CA PRO B 52 39.27 8.03 -14.68
C PRO B 52 39.22 7.36 -16.04
N ALA B 53 40.33 6.75 -16.47
CA ALA B 53 40.34 6.05 -17.76
C ALA B 53 39.37 4.89 -17.75
N LEU B 54 39.23 4.20 -16.62
CA LEU B 54 38.29 3.08 -16.55
C LEU B 54 36.85 3.55 -16.72
N THR B 55 36.49 4.68 -16.10
CA THR B 55 35.12 5.17 -16.24
C THR B 55 34.80 5.52 -17.69
N GLU B 56 35.80 5.98 -18.45
CA GLU B 56 35.58 6.25 -19.86
C GLU B 56 35.31 4.97 -20.63
N GLU B 57 36.07 3.90 -20.35
CA GLU B 57 35.78 2.61 -20.96
C GLU B 57 34.39 2.14 -20.60
N LEU B 58 34.00 2.30 -19.33
CA LEU B 58 32.67 1.89 -18.90
C LEU B 58 31.58 2.65 -19.63
N ARG B 59 31.76 3.97 -19.79
CA ARG B 59 30.75 4.76 -20.49
C ARG B 59 30.63 4.34 -21.94
N GLY B 60 31.75 4.12 -22.62
CA GLY B 60 31.69 3.65 -23.99
C GLY B 60 31.06 2.28 -24.11
N GLU B 61 31.33 1.39 -23.14
CA GLU B 61 30.72 0.08 -23.15
C GLU B 61 29.21 0.17 -22.95
N ILE B 62 28.75 1.02 -22.03
CA ILE B 62 27.32 1.16 -21.79
C ILE B 62 26.63 1.76 -23.02
N VAL B 63 27.30 2.69 -23.70
CA VAL B 63 26.72 3.27 -24.90
C VAL B 63 26.50 2.20 -25.98
N ARG B 64 27.50 1.34 -26.17
CA ARG B 64 27.37 0.28 -27.18
C ARG B 64 26.30 -0.74 -26.79
N VAL B 65 26.22 -1.10 -25.51
CA VAL B 65 25.21 -2.04 -25.05
C VAL B 65 23.82 -1.51 -25.33
N CYS B 66 23.60 -0.21 -25.12
CA CYS B 66 22.28 0.39 -25.24
C CYS B 66 21.94 0.81 -26.66
N SER B 67 22.91 0.76 -27.59
CA SER B 67 22.66 1.26 -28.93
C SER B 67 21.60 0.44 -29.67
N ARG B 68 21.34 -0.79 -29.24
CA ARG B 68 20.28 -1.57 -29.87
C ARG B 68 18.89 -1.13 -29.46
N GLY B 69 18.77 -0.31 -28.42
CA GLY B 69 17.50 0.27 -28.05
C GLY B 69 16.82 -0.47 -26.91
N GLY B 70 15.98 0.25 -26.18
CA GLY B 70 15.15 -0.35 -25.15
C GLY B 70 15.77 -0.49 -23.78
N LEU B 71 16.89 0.18 -23.52
CA LEU B 71 17.62 0.03 -22.26
C LEU B 71 17.73 1.36 -21.54
N HIS B 72 18.19 1.30 -20.29
CA HIS B 72 18.29 2.47 -19.42
C HIS B 72 19.67 3.10 -19.58
N LEU B 73 19.81 3.88 -20.65
CA LEU B 73 21.12 4.44 -21.00
C LEU B 73 21.52 5.59 -20.07
N ALA B 74 20.67 6.63 -19.98
CA ALA B 74 21.11 7.87 -19.35
C ALA B 74 21.34 7.70 -17.85
N SER B 75 20.52 6.87 -17.19
CA SER B 75 20.69 6.69 -15.74
C SER B 75 21.97 5.94 -15.43
N SER B 76 22.28 4.89 -16.21
CA SER B 76 23.51 4.13 -15.95
C SER B 76 24.75 4.93 -16.29
N LEU B 77 24.69 5.79 -17.31
CA LEU B 77 25.82 6.66 -17.61
C LEU B 77 26.12 7.61 -16.46
N GLY B 78 25.07 8.18 -15.86
CA GLY B 78 25.28 9.12 -14.77
C GLY B 78 25.90 8.49 -13.53
N ALA B 79 25.68 7.19 -13.33
CA ALA B 79 26.10 6.51 -12.12
C ALA B 79 27.44 5.78 -12.26
N VAL B 80 28.13 5.95 -13.39
CA VAL B 80 29.36 5.19 -13.64
C VAL B 80 30.41 5.47 -12.57
N ASP B 81 30.59 6.72 -12.21
CA ASP B 81 31.74 7.10 -11.36
C ASP B 81 31.53 6.66 -9.92
N ILE B 82 30.31 6.84 -9.38
CA ILE B 82 30.08 6.44 -8.01
C ILE B 82 30.11 4.91 -7.89
N ILE B 83 29.64 4.19 -8.91
CA ILE B 83 29.67 2.73 -8.87
C ILE B 83 31.11 2.24 -8.90
N THR B 84 31.95 2.83 -9.76
CA THR B 84 33.35 2.46 -9.80
C THR B 84 34.04 2.73 -8.46
N ALA B 85 33.77 3.90 -7.89
CA ALA B 85 34.38 4.24 -6.60
C ALA B 85 33.91 3.30 -5.50
N LEU B 86 32.61 2.95 -5.51
CA LEU B 86 32.09 2.06 -4.47
C LEU B 86 32.73 0.69 -4.52
N HIS B 87 32.85 0.11 -5.72
CA HIS B 87 33.48 -1.20 -5.84
C HIS B 87 34.98 -1.16 -5.62
N TYR B 88 35.61 0.00 -5.84
CA TYR B 88 37.04 0.13 -5.57
C TYR B 88 37.30 0.18 -4.07
N VAL B 89 36.41 0.83 -3.31
CA VAL B 89 36.60 1.00 -1.87
C VAL B 89 36.02 -0.18 -1.09
N LEU B 90 34.81 -0.61 -1.42
CA LEU B 90 34.14 -1.66 -0.68
C LEU B 90 34.51 -3.04 -1.24
N ASP B 91 34.13 -4.08 -0.49
CA ASP B 91 34.55 -5.45 -0.77
C ASP B 91 33.31 -6.32 -0.98
N SER B 92 32.61 -6.09 -2.09
CA SER B 92 31.49 -6.94 -2.45
C SER B 92 32.00 -8.32 -2.87
N PRO B 93 31.28 -9.41 -2.55
CA PRO B 93 29.95 -9.52 -1.94
C PRO B 93 29.94 -9.55 -0.42
N ARG B 94 31.11 -9.45 0.22
CA ARG B 94 31.13 -9.40 1.68
C ARG B 94 30.44 -8.13 2.19
N ASP B 95 30.77 -6.98 1.59
CA ASP B 95 29.97 -5.78 1.78
C ASP B 95 28.78 -5.80 0.82
N ARG B 96 27.68 -5.18 1.24
CA ARG B 96 26.43 -5.18 0.47
C ARG B 96 26.20 -3.78 -0.09
N ILE B 97 26.11 -3.70 -1.42
CA ILE B 97 25.83 -2.45 -2.13
C ILE B 97 24.45 -2.59 -2.75
N LEU B 98 23.52 -1.75 -2.32
CA LEU B 98 22.12 -1.82 -2.71
C LEU B 98 21.79 -0.69 -3.67
N PHE B 99 21.15 -1.02 -4.79
CA PHE B 99 20.73 -0.02 -5.77
C PHE B 99 19.22 0.15 -5.71
N ASP B 100 18.79 1.40 -5.59
CA ASP B 100 17.37 1.72 -5.65
C ASP B 100 16.92 1.74 -7.10
N VAL B 101 15.87 0.97 -7.39
CA VAL B 101 15.35 0.70 -8.74
C VAL B 101 16.26 -0.28 -9.48
N GLY B 102 17.56 0.03 -9.53
CA GLY B 102 18.52 -0.83 -10.18
C GLY B 102 18.75 -0.53 -11.65
N HIS B 103 17.99 0.40 -12.23
CA HIS B 103 18.14 0.76 -13.63
C HIS B 103 19.43 1.53 -13.90
N GLN B 104 20.09 2.05 -12.87
CA GLN B 104 21.32 2.80 -13.02
C GLN B 104 22.57 1.95 -12.84
N ALA B 105 22.42 0.62 -12.75
CA ALA B 105 23.49 -0.25 -12.29
C ALA B 105 24.13 -1.06 -13.42
N TYR B 106 24.10 -0.57 -14.65
CA TYR B 106 24.75 -1.30 -15.74
C TYR B 106 26.26 -1.41 -15.51
N ALA B 107 26.88 -0.34 -15.03
CA ALA B 107 28.31 -0.42 -14.73
C ALA B 107 28.58 -1.41 -13.60
N HIS B 108 27.65 -1.51 -12.65
CA HIS B 108 27.79 -2.49 -11.57
C HIS B 108 27.81 -3.92 -12.11
N LYS B 109 26.92 -4.23 -13.05
CA LYS B 109 26.89 -5.57 -13.62
C LYS B 109 28.12 -5.83 -14.48
N ILE B 110 28.60 -4.82 -15.21
CA ILE B 110 29.79 -4.99 -16.02
C ILE B 110 31.02 -5.26 -15.14
N LEU B 111 31.07 -4.67 -13.95
CA LEU B 111 32.21 -4.85 -13.05
C LEU B 111 32.08 -6.07 -12.16
N THR B 112 30.97 -6.80 -12.21
CA THR B 112 30.75 -7.97 -11.36
C THR B 112 30.52 -9.22 -12.19
N GLY B 113 31.31 -9.39 -13.25
CA GLY B 113 31.36 -10.64 -13.99
C GLY B 113 30.28 -10.85 -15.03
N ARG B 114 29.52 -9.81 -15.39
CA ARG B 114 28.44 -9.96 -16.34
C ARG B 114 28.62 -9.09 -17.58
N ARG B 115 29.86 -8.69 -17.89
CA ARG B 115 30.08 -7.82 -19.04
C ARG B 115 29.61 -8.48 -20.33
N ASP B 116 29.94 -9.75 -20.54
CA ASP B 116 29.54 -10.44 -21.75
C ASP B 116 28.03 -10.62 -21.82
N GLN B 117 27.36 -10.78 -20.68
CA GLN B 117 25.92 -10.98 -20.68
C GLN B 117 25.15 -9.69 -20.95
N MET B 118 25.81 -8.53 -20.97
CA MET B 118 25.10 -7.29 -21.25
C MET B 118 24.50 -7.27 -22.64
N ALA B 119 25.00 -8.09 -23.56
CA ALA B 119 24.46 -8.11 -24.91
C ALA B 119 23.01 -8.59 -24.93
N ASP B 120 22.62 -9.44 -23.98
CA ASP B 120 21.29 -10.02 -23.94
C ASP B 120 20.48 -9.54 -22.75
N ILE B 121 20.83 -8.39 -22.16
CA ILE B 121 20.12 -7.92 -20.99
C ILE B 121 18.67 -7.60 -21.36
N LYS B 122 17.76 -8.00 -20.47
CA LYS B 122 16.30 -7.88 -20.61
C LYS B 122 15.73 -8.80 -21.68
N LYS B 123 16.56 -9.57 -22.38
CA LYS B 123 16.05 -10.60 -23.29
C LYS B 123 15.72 -11.87 -22.52
N GLU B 124 14.76 -12.64 -23.05
CA GLU B 124 14.37 -13.89 -22.42
C GLU B 124 15.58 -14.82 -22.29
N GLY B 125 15.82 -15.30 -21.07
CA GLY B 125 16.98 -16.14 -20.80
C GLY B 125 18.24 -15.37 -20.46
N GLY B 126 18.27 -14.07 -20.69
CA GLY B 126 19.41 -13.25 -20.32
C GLY B 126 19.28 -12.69 -18.92
N ILE B 127 20.22 -11.81 -18.57
CA ILE B 127 20.20 -11.18 -17.26
C ILE B 127 19.10 -10.12 -17.21
N SER B 128 18.71 -9.77 -15.98
CA SER B 128 17.65 -8.79 -15.77
C SER B 128 18.18 -7.38 -16.04
N GLY B 129 17.25 -6.48 -16.38
CA GLY B 129 17.59 -5.08 -16.52
C GLY B 129 17.84 -4.37 -15.21
N PHE B 130 17.50 -5.00 -14.09
CA PHE B 130 17.73 -4.47 -12.75
C PHE B 130 18.56 -5.49 -11.96
N THR B 131 19.03 -5.08 -10.78
CA THR B 131 19.75 -6.03 -9.94
C THR B 131 18.77 -7.06 -9.41
N LYS B 132 19.24 -8.30 -9.28
CA LYS B 132 18.39 -9.43 -8.91
C LYS B 132 19.19 -10.39 -8.06
N VAL B 133 18.67 -10.70 -6.86
CA VAL B 133 19.42 -11.50 -5.89
C VAL B 133 19.79 -12.86 -6.47
N SER B 134 18.87 -13.50 -7.18
CA SER B 134 19.16 -14.83 -7.73
C SER B 134 20.15 -14.78 -8.89
N GLU B 135 20.43 -13.61 -9.43
CA GLU B 135 21.31 -13.49 -10.58
C GLU B 135 22.79 -13.40 -10.19
N SER B 136 23.10 -12.79 -9.05
CA SER B 136 24.49 -12.60 -8.69
C SER B 136 24.62 -12.39 -7.19
N GLU B 137 25.69 -12.93 -6.60
CA GLU B 137 25.99 -12.63 -5.20
C GLU B 137 26.26 -11.15 -4.99
N HIS B 138 26.60 -10.40 -6.05
CA HIS B 138 26.85 -8.98 -5.94
C HIS B 138 25.59 -8.13 -5.98
N ASP B 139 24.44 -8.72 -6.27
CA ASP B 139 23.16 -8.00 -6.30
C ASP B 139 22.48 -8.19 -4.95
N ALA B 140 22.51 -7.13 -4.12
CA ALA B 140 22.05 -7.25 -2.75
C ALA B 140 20.54 -7.31 -2.64
N ILE B 141 19.81 -6.62 -3.53
CA ILE B 141 18.35 -6.62 -3.51
C ILE B 141 17.82 -6.77 -4.93
N THR B 142 16.62 -7.32 -5.02
CA THR B 142 15.89 -7.40 -6.28
C THR B 142 14.95 -6.21 -6.36
N VAL B 143 15.15 -5.36 -7.37
CA VAL B 143 14.49 -4.06 -7.40
C VAL B 143 13.89 -3.82 -8.79
N GLY B 144 13.04 -2.81 -8.85
CA GLY B 144 12.33 -2.40 -10.06
C GLY B 144 11.40 -1.29 -9.64
N HIS B 145 10.57 -1.57 -8.65
CA HIS B 145 9.89 -0.50 -7.93
C HIS B 145 10.91 0.32 -7.16
N ALA B 146 10.66 1.62 -7.06
CA ALA B 146 11.58 2.58 -6.47
C ALA B 146 11.36 2.72 -4.97
N SER B 147 12.40 3.21 -4.30
CA SER B 147 12.42 3.67 -2.91
C SER B 147 12.53 2.54 -1.89
N THR B 148 12.84 1.31 -2.32
CA THR B 148 12.93 0.19 -1.38
C THR B 148 14.32 0.03 -0.78
N SER B 149 15.33 0.76 -1.28
CA SER B 149 16.70 0.50 -0.88
C SER B 149 16.96 0.81 0.59
N LEU B 150 16.31 1.87 1.12
CA LEU B 150 16.66 2.32 2.46
C LEU B 150 16.13 1.37 3.53
N ALA B 151 14.89 0.92 3.39
CA ALA B 151 14.35 -0.05 4.33
C ALA B 151 15.09 -1.39 4.23
N ASN B 152 15.39 -1.83 3.01
CA ASN B 152 16.21 -3.03 2.83
C ASN B 152 17.57 -2.88 3.51
N ALA B 153 18.22 -1.73 3.33
CA ALA B 153 19.53 -1.52 3.94
C ALA B 153 19.45 -1.54 5.46
N LEU B 154 18.40 -0.93 6.02
CA LEU B 154 18.19 -0.96 7.47
C LEU B 154 18.07 -2.39 7.97
N GLY B 155 17.26 -3.20 7.28
CA GLY B 155 17.10 -4.59 7.70
C GLY B 155 18.41 -5.36 7.65
N MET B 156 19.23 -5.12 6.63
CA MET B 156 20.52 -5.80 6.56
C MET B 156 21.46 -5.33 7.66
N ALA B 157 21.44 -4.03 7.97
CA ALA B 157 22.29 -3.51 9.04
C ALA B 157 21.85 -4.05 10.40
N LEU B 158 20.54 -4.13 10.64
CA LEU B 158 20.05 -4.69 11.89
C LEU B 158 20.38 -6.18 12.00
N ALA B 159 20.27 -6.90 10.88
CA ALA B 159 20.65 -8.31 10.86
C ALA B 159 22.13 -8.50 11.11
N ARG B 160 22.96 -7.67 10.49
CA ARG B 160 24.41 -7.72 10.72
C ARG B 160 24.72 -7.52 12.19
N ASP B 161 24.15 -6.47 12.80
CA ASP B 161 24.45 -6.18 14.21
C ASP B 161 23.94 -7.28 15.14
N ALA B 162 22.76 -7.84 14.83
CA ALA B 162 22.21 -8.92 15.65
C ALA B 162 23.09 -10.16 15.60
N GLN B 163 23.75 -10.40 14.47
CA GLN B 163 24.61 -11.55 14.30
C GLN B 163 26.05 -11.28 14.72
N GLY B 164 26.35 -10.08 15.20
CA GLY B 164 27.70 -9.76 15.60
C GLY B 164 28.70 -9.64 14.47
N LYS B 165 28.21 -9.38 13.25
CA LYS B 165 29.08 -9.27 12.08
C LYS B 165 29.49 -7.82 11.85
N ASP B 166 30.45 -7.63 10.93
CA ASP B 166 31.09 -6.35 10.73
C ASP B 166 31.43 -6.20 9.24
N PHE B 167 30.40 -6.00 8.42
CA PHE B 167 30.57 -5.67 7.02
C PHE B 167 29.87 -4.35 6.72
N HIS B 168 30.20 -3.74 5.59
CA HIS B 168 29.62 -2.46 5.22
C HIS B 168 28.30 -2.66 4.49
N VAL B 169 27.35 -1.78 4.75
CA VAL B 169 26.09 -1.70 4.03
C VAL B 169 26.04 -0.32 3.38
N ALA B 170 25.86 -0.30 2.06
CA ALA B 170 25.79 0.94 1.30
C ALA B 170 24.60 0.88 0.35
N ALA B 171 23.86 1.98 0.27
CA ALA B 171 22.70 2.09 -0.60
C ALA B 171 22.86 3.29 -1.52
N VAL B 172 22.54 3.09 -2.80
CA VAL B 172 22.57 4.16 -3.81
C VAL B 172 21.12 4.47 -4.16
N ILE B 173 20.68 5.69 -3.86
CA ILE B 173 19.30 6.10 -4.11
C ILE B 173 19.30 7.41 -4.87
N GLY B 174 18.49 7.48 -5.93
CA GLY B 174 18.39 8.69 -6.71
C GLY B 174 17.49 9.72 -6.06
N ASP B 175 17.60 10.96 -6.56
CA ASP B 175 16.76 12.03 -6.03
C ASP B 175 15.28 11.77 -6.30
N GLY B 176 14.96 11.11 -7.41
CA GLY B 176 13.57 10.75 -7.66
C GLY B 176 13.06 9.71 -6.68
N SER B 177 13.84 8.65 -6.47
CA SER B 177 13.44 7.61 -5.53
C SER B 177 13.29 8.15 -4.10
N LEU B 178 14.05 9.20 -3.76
CA LEU B 178 13.94 9.79 -2.43
C LEU B 178 12.59 10.46 -2.18
N THR B 179 11.82 10.79 -3.23
CA THR B 179 10.50 11.37 -3.02
C THR B 179 9.47 10.36 -2.53
N GLY B 180 9.80 9.06 -2.55
CA GLY B 180 8.85 8.06 -2.11
C GLY B 180 8.69 8.06 -0.59
N GLY B 181 7.45 7.88 -0.14
CA GLY B 181 7.19 7.86 1.29
C GLY B 181 7.95 6.78 2.04
N MET B 182 8.08 5.59 1.43
CA MET B 182 8.76 4.52 2.15
C MET B 182 10.27 4.78 2.25
N ALA B 183 10.82 5.64 1.40
CA ALA B 183 12.21 6.05 1.59
C ALA B 183 12.32 7.10 2.70
N LEU B 184 11.41 8.08 2.72
CA LEU B 184 11.46 9.11 3.76
C LEU B 184 11.19 8.53 5.14
N ALA B 185 10.21 7.63 5.25
CA ALA B 185 9.94 7.02 6.55
C ALA B 185 11.06 6.08 6.98
N ALA B 186 11.64 5.33 6.03
CA ALA B 186 12.76 4.47 6.38
C ALA B 186 13.94 5.28 6.89
N LEU B 187 14.17 6.45 6.28
CA LEU B 187 15.25 7.31 6.74
C LEU B 187 15.00 7.79 8.17
N ASN B 188 13.74 8.04 8.51
CA ASN B 188 13.38 8.43 9.88
C ASN B 188 13.75 7.32 10.87
N THR B 189 13.52 6.06 10.50
CA THR B 189 13.91 4.96 11.37
C THR B 189 15.42 4.77 11.36
N ILE B 190 16.06 4.93 10.20
CA ILE B 190 17.51 4.81 10.10
C ILE B 190 18.20 5.78 11.06
N GLY B 191 17.73 7.03 11.09
CA GLY B 191 18.29 7.99 12.03
C GLY B 191 18.03 7.62 13.47
N ASP B 192 16.89 6.97 13.73
CA ASP B 192 16.57 6.57 15.10
C ASP B 192 17.47 5.44 15.56
N MET B 193 17.73 4.45 14.71
CA MET B 193 18.51 3.29 15.13
C MET B 193 20.00 3.58 15.20
N GLY B 194 20.50 4.50 14.37
CA GLY B 194 21.89 4.94 14.49
C GLY B 194 22.94 3.89 14.17
N ARG B 195 22.64 2.99 13.23
CA ARG B 195 23.57 1.92 12.91
C ARG B 195 24.52 2.33 11.78
N LYS B 196 25.63 1.61 11.67
CA LYS B 196 26.60 1.87 10.61
C LYS B 196 26.00 1.52 9.26
N MET B 197 26.00 2.50 8.36
CA MET B 197 25.53 2.34 7.00
C MET B 197 25.80 3.63 6.25
N LEU B 198 25.94 3.51 4.93
CA LEU B 198 26.20 4.65 4.06
C LEU B 198 25.09 4.73 3.03
N ILE B 199 24.49 5.91 2.91
CA ILE B 199 23.50 6.18 1.88
C ILE B 199 24.12 7.19 0.92
N VAL B 200 24.23 6.81 -0.35
CA VAL B 200 24.69 7.71 -1.40
C VAL B 200 23.45 8.26 -2.09
N LEU B 201 23.21 9.56 -1.94
CA LEU B 201 22.13 10.23 -2.66
C LEU B 201 22.65 10.65 -4.02
N ASN B 202 22.20 9.95 -5.07
CA ASN B 202 22.60 10.23 -6.44
C ASN B 202 21.66 11.28 -7.00
N ASP B 203 22.04 12.54 -6.88
CA ASP B 203 21.17 13.68 -7.18
C ASP B 203 21.52 14.25 -8.56
N ASN B 204 20.63 14.05 -9.53
CA ASN B 204 20.79 14.65 -10.85
C ASN B 204 19.63 15.57 -11.22
N GLU B 205 18.78 15.93 -10.26
CA GLU B 205 17.60 16.76 -10.46
C GLU B 205 16.61 16.16 -11.45
N MET B 206 16.78 14.89 -11.80
CA MET B 206 15.94 14.21 -12.77
C MET B 206 15.30 12.99 -12.14
N SER B 207 14.03 12.75 -12.51
CA SER B 207 13.40 11.47 -12.24
C SER B 207 13.33 10.76 -13.58
N ILE B 208 12.17 10.70 -14.24
CA ILE B 208 12.14 10.45 -15.67
C ILE B 208 11.95 11.81 -16.34
N SER B 209 10.86 12.50 -15.96
CA SER B 209 10.79 13.93 -16.15
C SER B 209 11.78 14.61 -15.20
N GLU B 210 11.83 15.94 -15.25
CA GLU B 210 12.52 16.68 -14.20
C GLU B 210 11.92 16.30 -12.86
N ASN B 211 12.77 16.18 -11.84
CA ASN B 211 12.27 15.81 -10.53
C ASN B 211 11.40 16.93 -9.95
N VAL B 212 10.52 16.55 -9.03
CA VAL B 212 9.61 17.49 -8.39
C VAL B 212 9.73 17.33 -6.87
N GLY B 213 9.01 18.16 -6.15
CA GLY B 213 8.99 18.10 -4.71
C GLY B 213 9.79 19.23 -4.07
N ALA B 214 9.51 19.48 -2.78
CA ALA B 214 10.17 20.57 -2.08
C ALA B 214 11.64 20.27 -1.83
N MET B 215 11.97 19.00 -1.55
CA MET B 215 13.37 18.64 -1.32
CA MET B 215 13.37 18.64 -1.32
C MET B 215 14.22 18.92 -2.55
N ASN B 216 13.72 18.56 -3.74
CA ASN B 216 14.42 18.87 -4.97
C ASN B 216 14.64 20.38 -5.13
N LYS B 217 13.61 21.18 -4.82
CA LYS B 217 13.76 22.63 -4.89
C LYS B 217 14.77 23.13 -3.86
N PHE B 218 14.73 22.58 -2.65
CA PHE B 218 15.66 23.04 -1.61
C PHE B 218 17.10 22.71 -1.97
N MET B 219 17.35 21.52 -2.51
CA MET B 219 18.72 21.13 -2.82
C MET B 219 19.27 21.85 -4.05
N ARG B 220 18.42 22.45 -4.89
CA ARG B 220 18.92 23.25 -5.99
C ARG B 220 19.72 24.45 -5.47
N GLY B 221 19.27 25.05 -4.38
CA GLY B 221 19.94 26.19 -3.80
C GLY B 221 21.06 25.84 -2.84
N SER B 265 24.92 25.55 3.55
CA SER B 265 25.74 24.85 4.53
C SER B 265 24.88 24.11 5.55
N VAL B 266 23.59 24.06 5.29
CA VAL B 266 22.62 23.45 6.17
C VAL B 266 22.46 21.97 5.82
N ASN B 267 22.16 21.15 6.83
CA ASN B 267 21.90 19.74 6.61
C ASN B 267 20.41 19.58 6.31
N PRO B 268 20.03 19.25 5.08
CA PRO B 268 18.59 19.08 4.78
C PRO B 268 17.93 17.97 5.57
N PHE B 269 18.71 17.06 6.15
CA PHE B 269 18.20 15.94 6.94
C PHE B 269 18.54 16.10 8.42
N ALA B 270 18.64 17.35 8.90
CA ALA B 270 19.03 17.59 10.28
C ALA B 270 18.08 16.91 11.26
N ALA B 271 16.77 17.01 11.00
CA ALA B 271 15.78 16.38 11.86
C ALA B 271 15.81 14.87 11.77
N MET B 272 16.50 14.30 10.78
CA MET B 272 16.64 12.85 10.66
C MET B 272 17.78 12.29 11.49
N GLY B 273 18.59 13.15 12.10
CA GLY B 273 19.71 12.67 12.91
C GLY B 273 20.75 11.90 12.15
N VAL B 274 20.94 12.20 10.86
CA VAL B 274 21.86 11.47 10.01
C VAL B 274 23.00 12.39 9.62
N ARG B 275 24.23 11.87 9.66
CA ARG B 275 25.38 12.62 9.17
C ARG B 275 25.23 12.91 7.69
N TYR B 276 25.52 14.14 7.29
CA TYR B 276 25.31 14.60 5.92
C TYR B 276 26.61 15.17 5.38
N VAL B 277 27.06 14.62 4.26
CA VAL B 277 28.29 15.05 3.60
C VAL B 277 27.95 15.43 2.16
N GLY B 278 28.33 16.63 1.75
CA GLY B 278 28.09 17.07 0.40
C GLY B 278 27.32 18.38 0.33
N PRO B 279 26.86 18.74 -0.88
CA PRO B 279 27.01 17.95 -2.11
C PRO B 279 28.43 17.98 -2.68
N VAL B 280 28.82 16.87 -3.32
CA VAL B 280 30.13 16.76 -3.95
C VAL B 280 29.94 16.36 -5.41
N ASP B 281 31.01 16.52 -6.19
CA ASP B 281 31.01 16.18 -7.60
C ASP B 281 30.88 14.67 -7.76
N GLY B 282 29.76 14.23 -8.31
CA GLY B 282 29.51 12.82 -8.53
C GLY B 282 30.23 12.20 -9.70
N HIS B 283 31.07 12.97 -10.42
CA HIS B 283 31.82 12.46 -11.55
C HIS B 283 33.33 12.53 -11.33
N ASN B 284 33.78 12.92 -10.14
CA ASN B 284 35.20 12.93 -9.81
C ASN B 284 35.51 11.60 -9.11
N VAL B 285 35.89 10.60 -9.89
CA VAL B 285 35.97 9.23 -9.37
C VAL B 285 37.06 9.10 -8.32
N GLN B 286 38.18 9.82 -8.47
CA GLN B 286 39.25 9.73 -7.48
C GLN B 286 38.84 10.41 -6.17
N GLU B 287 38.15 11.55 -6.26
CA GLU B 287 37.68 12.23 -5.05
C GLU B 287 36.61 11.41 -4.34
N LEU B 288 35.74 10.73 -5.11
CA LEU B 288 34.75 9.86 -4.50
C LEU B 288 35.39 8.71 -3.74
N VAL B 289 36.43 8.10 -4.33
CA VAL B 289 37.17 7.05 -3.62
C VAL B 289 37.74 7.61 -2.32
N TRP B 290 38.40 8.76 -2.39
CA TRP B 290 38.95 9.40 -1.20
C TRP B 290 37.88 9.64 -0.14
N LEU B 291 36.71 10.13 -0.55
CA LEU B 291 35.64 10.39 0.39
C LEU B 291 35.09 9.10 0.99
N LEU B 292 34.84 8.09 0.14
CA LEU B 292 34.26 6.84 0.61
C LEU B 292 35.16 6.18 1.64
N GLU B 293 36.48 6.22 1.43
CA GLU B 293 37.41 5.63 2.38
C GLU B 293 37.29 6.25 3.77
N ARG B 294 36.96 7.54 3.84
CA ARG B 294 36.90 8.26 5.11
C ARG B 294 35.51 8.34 5.69
N LEU B 295 34.52 7.67 5.07
CA LEU B 295 33.16 7.67 5.58
C LEU B 295 32.66 6.29 5.98
N VAL B 296 33.06 5.24 5.27
CA VAL B 296 32.38 3.95 5.41
C VAL B 296 32.61 3.29 6.78
N ASP B 297 33.62 3.72 7.53
CA ASP B 297 33.91 3.14 8.83
C ASP B 297 33.48 4.02 9.99
N LEU B 298 32.79 5.13 9.71
CA LEU B 298 32.33 6.01 10.77
C LEU B 298 31.13 5.41 11.50
N ASP B 299 30.93 5.88 12.73
CA ASP B 299 29.76 5.46 13.50
C ASP B 299 28.50 6.10 12.96
N GLY B 300 27.40 5.35 12.99
CA GLY B 300 26.11 5.88 12.63
C GLY B 300 25.90 6.00 11.13
N PRO B 301 24.67 6.31 10.72
CA PRO B 301 24.37 6.42 9.29
C PRO B 301 24.86 7.74 8.70
N THR B 302 25.24 7.68 7.44
CA THR B 302 25.74 8.83 6.71
C THR B 302 25.03 8.94 5.37
N ILE B 303 24.65 10.16 5.00
CA ILE B 303 24.19 10.46 3.65
C ILE B 303 25.31 11.17 2.92
N LEU B 304 25.82 10.54 1.87
CA LEU B 304 26.77 11.17 0.95
C LEU B 304 25.97 11.70 -0.22
N HIS B 305 25.88 13.03 -0.31
CA HIS B 305 25.11 13.69 -1.36
C HIS B 305 26.04 13.99 -2.53
N ILE B 306 25.83 13.30 -3.65
CA ILE B 306 26.62 13.54 -4.85
C ILE B 306 25.71 14.17 -5.90
N VAL B 307 26.32 14.96 -6.78
CA VAL B 307 25.62 15.63 -7.87
C VAL B 307 26.14 15.04 -9.18
N THR B 308 25.23 14.48 -9.98
CA THR B 308 25.58 13.87 -11.25
C THR B 308 24.75 14.48 -12.37
N THR B 309 25.25 14.32 -13.59
CA THR B 309 24.54 14.73 -14.80
C THR B 309 23.97 13.48 -15.45
N LYS B 310 22.64 13.42 -15.56
CA LYS B 310 22.02 12.27 -16.20
C LYS B 310 22.46 12.20 -17.66
N GLY B 311 22.92 11.02 -18.07
CA GLY B 311 23.47 10.84 -19.40
C GLY B 311 24.92 11.24 -19.56
N LYS B 312 25.64 11.45 -18.45
CA LYS B 312 27.02 11.92 -18.50
C LYS B 312 27.88 11.03 -19.39
N GLY B 313 28.54 11.65 -20.36
CA GLY B 313 29.42 10.96 -21.28
C GLY B 313 28.91 10.89 -22.71
N LEU B 314 27.61 11.13 -22.92
CA LEU B 314 27.03 11.17 -24.25
C LEU B 314 26.32 12.51 -24.42
N SER B 315 26.80 13.33 -25.36
CA SER B 315 26.32 14.70 -25.48
C SER B 315 24.82 14.75 -25.70
N TYR B 316 24.28 13.87 -26.55
CA TYR B 316 22.85 13.86 -26.83
C TYR B 316 22.05 13.53 -25.58
N ALA B 317 22.55 12.58 -24.78
CA ALA B 317 21.83 12.18 -23.57
C ALA B 317 21.88 13.27 -22.51
N GLU B 318 23.01 13.98 -22.39
CA GLU B 318 23.10 15.09 -21.46
C GLU B 318 22.16 16.23 -21.87
N ALA B 319 21.97 16.45 -23.16
CA ALA B 319 21.12 17.53 -23.64
C ALA B 319 19.63 17.21 -23.46
N ASP B 320 19.25 15.94 -23.58
CA ASP B 320 17.85 15.53 -23.43
C ASP B 320 17.81 14.26 -22.58
N PRO B 321 17.98 14.39 -21.26
CA PRO B 321 17.96 13.20 -20.39
C PRO B 321 16.59 12.56 -20.26
N ILE B 322 15.52 13.22 -20.72
CA ILE B 322 14.20 12.61 -20.66
C ILE B 322 14.08 11.49 -21.69
N TYR B 323 14.31 11.81 -22.97
CA TYR B 323 14.23 10.77 -23.99
C TYR B 323 15.28 9.70 -23.78
N TRP B 324 16.52 10.10 -23.50
CA TRP B 324 17.62 9.14 -23.41
C TRP B 324 17.60 8.34 -22.12
N HIS B 325 16.62 8.57 -21.24
CA HIS B 325 16.35 7.65 -20.14
C HIS B 325 16.08 6.24 -20.67
N GLY B 326 15.45 6.15 -21.83
CA GLY B 326 15.19 4.87 -22.47
C GLY B 326 15.10 5.01 -23.97
N PRO B 327 16.24 5.13 -24.63
CA PRO B 327 16.24 5.42 -26.07
C PRO B 327 16.01 4.18 -26.91
N ALA B 328 15.41 4.39 -28.08
CA ALA B 328 15.30 3.35 -29.08
C ALA B 328 16.67 3.12 -29.72
N LYS B 329 16.70 2.25 -30.73
CA LYS B 329 17.94 1.99 -31.46
C LYS B 329 18.52 3.30 -31.98
N PHE B 330 19.80 3.53 -31.68
CA PHE B 330 20.44 4.80 -32.04
C PHE B 330 21.86 4.56 -32.53
N ASP B 331 22.37 5.55 -33.26
CA ASP B 331 23.76 5.57 -33.72
C ASP B 331 24.58 6.39 -32.74
N PRO B 332 25.54 5.77 -32.04
CA PRO B 332 26.31 6.54 -31.04
C PRO B 332 27.11 7.69 -31.62
N ALA B 333 27.49 7.61 -32.90
CA ALA B 333 28.31 8.67 -33.49
C ALA B 333 27.48 9.90 -33.88
N THR B 334 26.20 9.71 -34.19
CA THR B 334 25.35 10.81 -34.65
C THR B 334 24.24 11.18 -33.69
N GLY B 335 23.84 10.28 -32.78
CA GLY B 335 22.70 10.52 -31.94
C GLY B 335 21.36 10.32 -32.60
N GLU B 336 21.33 9.92 -33.86
CA GLU B 336 20.09 9.68 -34.57
C GLU B 336 19.46 8.38 -34.10
N TYR B 337 18.14 8.40 -33.89
CA TYR B 337 17.44 7.23 -33.39
C TYR B 337 16.16 6.99 -34.18
N VAL B 338 15.65 5.76 -34.07
CA VAL B 338 14.43 5.35 -34.74
C VAL B 338 13.23 5.99 -34.05
N PRO B 339 12.51 6.90 -34.73
CA PRO B 339 11.33 7.52 -34.10
C PRO B 339 10.17 6.54 -34.07
N SER B 340 9.65 6.28 -32.87
CA SER B 340 8.51 5.37 -32.70
C SER B 340 7.25 6.12 -33.11
N SER B 341 6.91 6.01 -34.40
CA SER B 341 5.73 6.67 -34.95
C SER B 341 4.43 5.90 -34.70
N ALA B 342 4.43 4.98 -33.72
CA ALA B 342 3.23 4.23 -33.40
C ALA B 342 2.28 5.07 -32.56
N TYR B 343 1.03 4.63 -32.50
CA TYR B 343 -0.01 5.27 -31.70
C TYR B 343 -0.32 4.36 -30.52
N SER B 344 0.26 4.67 -29.36
CA SER B 344 0.14 3.84 -28.18
C SER B 344 -1.21 4.07 -27.49
N TRP B 345 -1.58 3.11 -26.64
CA TRP B 345 -2.70 3.35 -25.73
C TRP B 345 -2.47 4.59 -24.88
N SER B 346 -1.21 4.80 -24.46
CA SER B 346 -0.89 5.99 -23.68
C SER B 346 -1.25 7.26 -24.44
N ALA B 347 -0.92 7.32 -25.73
CA ALA B 347 -1.24 8.48 -26.54
C ALA B 347 -2.75 8.63 -26.74
N ALA B 348 -3.47 7.51 -26.85
CA ALA B 348 -4.92 7.58 -26.97
C ALA B 348 -5.55 8.17 -25.72
N PHE B 349 -5.07 7.75 -24.54
CA PHE B 349 -5.55 8.30 -23.28
C PHE B 349 -5.21 9.78 -23.17
N GLY B 350 -3.96 10.14 -23.48
CA GLY B 350 -3.55 11.52 -23.38
C GLY B 350 -4.37 12.43 -24.29
N GLU B 351 -4.63 11.97 -25.52
CA GLU B 351 -5.48 12.74 -26.42
C GLU B 351 -6.90 12.86 -25.86
N ALA B 352 -7.45 11.77 -25.34
CA ALA B 352 -8.82 11.78 -24.83
C ALA B 352 -8.95 12.70 -23.62
N VAL B 353 -8.03 12.59 -22.67
CA VAL B 353 -8.19 13.39 -21.45
C VAL B 353 -7.85 14.86 -21.70
N THR B 354 -6.91 15.15 -22.60
CA THR B 354 -6.65 16.55 -22.97
C THR B 354 -7.88 17.17 -23.62
N GLU B 355 -8.56 16.39 -24.47
CA GLU B 355 -9.79 16.83 -25.10
C GLU B 355 -10.89 17.01 -24.06
N TRP B 356 -11.06 16.02 -23.18
CA TRP B 356 -12.13 16.05 -22.20
C TRP B 356 -12.00 17.25 -21.26
N ALA B 357 -10.78 17.56 -20.81
CA ALA B 357 -10.59 18.63 -19.85
C ALA B 357 -10.90 20.01 -20.43
N LYS B 358 -10.97 20.14 -21.77
CA LYS B 358 -11.30 21.44 -22.35
C LYS B 358 -12.74 21.85 -22.04
N THR B 359 -13.66 20.89 -21.96
CA THR B 359 -15.05 21.19 -21.67
C THR B 359 -15.46 20.82 -20.26
N ASP B 360 -14.59 20.18 -19.49
CA ASP B 360 -14.89 19.82 -18.10
C ASP B 360 -13.87 20.47 -17.19
N PRO B 361 -14.18 21.64 -16.61
CA PRO B 361 -13.22 22.29 -15.70
C PRO B 361 -12.98 21.53 -14.41
N ARG B 362 -13.78 20.51 -14.10
CA ARG B 362 -13.56 19.74 -12.88
CA ARG B 362 -13.57 19.73 -12.89
C ARG B 362 -12.52 18.63 -13.05
N THR B 363 -12.12 18.34 -14.28
CA THR B 363 -11.11 17.30 -14.50
C THR B 363 -9.73 17.82 -14.10
N PHE B 364 -8.99 16.99 -13.36
CA PHE B 364 -7.67 17.31 -12.84
C PHE B 364 -6.89 16.01 -12.87
N VAL B 365 -5.73 15.99 -13.54
CA VAL B 365 -4.97 14.76 -13.73
C VAL B 365 -3.77 14.76 -12.80
N VAL B 366 -3.55 13.63 -12.12
CA VAL B 366 -2.45 13.43 -11.20
C VAL B 366 -1.63 12.24 -11.68
N THR B 367 -0.32 12.41 -11.75
CA THR B 367 0.55 11.30 -12.06
C THR B 367 1.65 11.20 -11.02
N PRO B 368 2.08 9.98 -10.68
CA PRO B 368 3.26 9.82 -9.83
C PRO B 368 4.51 9.63 -10.69
N ALA B 369 5.05 10.76 -11.17
CA ALA B 369 6.34 10.84 -11.87
C ALA B 369 6.34 10.19 -13.25
N MET B 370 5.18 9.95 -13.87
CA MET B 370 5.15 9.26 -15.15
C MET B 370 4.41 10.07 -16.21
N ARG B 371 4.70 11.37 -16.27
CA ARG B 371 4.11 12.22 -17.29
C ARG B 371 4.37 11.68 -18.69
N GLU B 372 5.61 11.25 -18.96
CA GLU B 372 5.94 10.76 -20.30
C GLU B 372 5.27 9.40 -20.56
N GLY B 373 5.46 8.44 -19.65
CA GLY B 373 4.97 7.09 -19.88
C GLY B 373 3.46 7.02 -20.02
N SER B 374 2.74 7.79 -19.20
CA SER B 374 1.28 7.77 -19.25
C SER B 374 0.71 8.61 -20.38
N GLY B 375 1.55 9.30 -21.15
CA GLY B 375 1.09 10.05 -22.30
C GLY B 375 0.55 11.42 -21.99
N LEU B 376 1.07 12.08 -20.96
CA LEU B 376 0.51 13.33 -20.45
C LEU B 376 1.36 14.55 -20.77
N VAL B 377 2.32 14.44 -21.69
CA VAL B 377 3.16 15.59 -22.02
C VAL B 377 2.32 16.73 -22.58
N GLU B 378 1.50 16.44 -23.59
CA GLU B 378 0.67 17.49 -24.16
CA GLU B 378 0.66 17.49 -24.15
C GLU B 378 -0.37 17.99 -23.16
N PHE B 379 -0.93 17.08 -22.35
CA PHE B 379 -1.91 17.50 -21.35
C PHE B 379 -1.30 18.53 -20.40
N SER B 380 -0.08 18.27 -19.92
CA SER B 380 0.57 19.19 -18.99
C SER B 380 0.84 20.54 -19.63
N ARG B 381 0.95 20.59 -20.97
CA ARG B 381 1.19 21.84 -21.66
CA ARG B 381 1.19 21.85 -21.64
C ARG B 381 -0.11 22.59 -21.92
N VAL B 382 -1.18 21.86 -22.26
CA VAL B 382 -2.45 22.49 -22.59
C VAL B 382 -3.22 22.87 -21.32
N HIS B 383 -3.12 22.05 -20.28
CA HIS B 383 -3.87 22.24 -19.04
C HIS B 383 -2.93 22.33 -17.84
N PRO B 384 -2.02 23.33 -17.82
CA PRO B 384 -1.03 23.37 -16.73
C PRO B 384 -1.65 23.55 -15.35
N HIS B 385 -2.84 24.15 -15.28
CA HIS B 385 -3.51 24.40 -14.01
C HIS B 385 -4.43 23.24 -13.60
N ARG B 386 -4.39 22.12 -14.32
CA ARG B 386 -5.15 20.92 -13.98
C ARG B 386 -4.25 19.69 -13.98
N TYR B 387 -2.97 19.88 -13.69
CA TYR B 387 -1.97 18.83 -13.76
C TYR B 387 -1.13 18.85 -12.49
N LEU B 388 -0.84 17.66 -11.95
CA LEU B 388 -0.03 17.53 -10.75
C LEU B 388 0.87 16.31 -10.86
N ASP B 389 2.16 16.51 -10.61
CA ASP B 389 3.15 15.44 -10.51
C ASP B 389 3.58 15.36 -9.04
N VAL B 390 3.24 14.27 -8.37
CA VAL B 390 3.53 14.14 -6.93
C VAL B 390 4.85 13.41 -6.70
N GLY B 391 5.65 13.24 -7.74
CA GLY B 391 6.87 12.45 -7.61
C GLY B 391 6.56 10.97 -7.55
N ILE B 392 7.54 10.19 -7.10
CA ILE B 392 7.37 8.73 -7.07
C ILE B 392 6.66 8.36 -5.76
N ALA B 393 5.40 8.80 -5.63
CA ALA B 393 4.63 8.61 -4.41
C ALA B 393 3.18 8.30 -4.80
N GLU B 394 2.99 7.09 -5.31
CA GLU B 394 1.65 6.64 -5.71
C GLU B 394 0.64 6.83 -4.58
N GLU B 395 1.07 6.60 -3.34
CA GLU B 395 0.18 6.78 -2.20
CA GLU B 395 0.18 6.78 -2.19
C GLU B 395 -0.34 8.21 -2.11
N VAL B 396 0.53 9.19 -2.35
CA VAL B 396 0.11 10.59 -2.30
C VAL B 396 -0.79 10.92 -3.48
N ALA B 397 -0.51 10.34 -4.64
CA ALA B 397 -1.31 10.63 -5.83
C ALA B 397 -2.79 10.28 -5.59
N VAL B 398 -3.04 9.11 -5.00
CA VAL B 398 -4.41 8.64 -4.86
C VAL B 398 -5.14 9.43 -3.78
N THR B 399 -4.50 9.64 -2.62
CA THR B 399 -5.19 10.34 -1.55
C THR B 399 -5.35 11.83 -1.86
N THR B 400 -4.40 12.43 -2.58
CA THR B 400 -4.61 13.80 -3.05
C THR B 400 -5.82 13.87 -3.95
N ALA B 401 -5.97 12.90 -4.85
CA ALA B 401 -7.15 12.85 -5.72
C ALA B 401 -8.43 12.72 -4.90
N ALA B 402 -8.38 11.92 -3.82
CA ALA B 402 -9.53 11.79 -2.95
C ALA B 402 -9.94 13.14 -2.38
N GLY B 403 -8.98 13.94 -1.92
CA GLY B 403 -9.29 15.25 -1.40
C GLY B 403 -9.88 16.16 -2.46
N MET B 404 -9.37 16.07 -3.70
CA MET B 404 -9.95 16.83 -4.80
C MET B 404 -11.41 16.44 -5.04
N ALA B 405 -11.68 15.13 -5.02
CA ALA B 405 -13.05 14.65 -5.24
C ALA B 405 -13.98 15.11 -4.13
N LEU B 406 -13.48 15.16 -2.89
CA LEU B 406 -14.27 15.65 -1.77
C LEU B 406 -14.64 17.12 -1.93
N GLN B 407 -13.83 17.89 -2.67
CA GLN B 407 -14.14 19.29 -2.92
C GLN B 407 -14.77 19.51 -4.30
N GLY B 408 -15.39 18.49 -4.87
CA GLY B 408 -16.20 18.67 -6.06
C GLY B 408 -15.47 18.51 -7.39
N MET B 409 -14.20 18.14 -7.38
CA MET B 409 -13.49 17.94 -8.64
C MET B 409 -13.74 16.53 -9.17
N ARG B 410 -13.27 16.29 -10.38
CA ARG B 410 -13.36 14.99 -11.04
C ARG B 410 -11.95 14.52 -11.38
N PRO B 411 -11.16 14.16 -10.37
CA PRO B 411 -9.75 13.84 -10.62
C PRO B 411 -9.58 12.53 -11.36
N VAL B 412 -8.54 12.50 -12.19
CA VAL B 412 -8.09 11.29 -12.88
C VAL B 412 -6.68 10.98 -12.39
N VAL B 413 -6.48 9.78 -11.86
CA VAL B 413 -5.16 9.27 -11.51
C VAL B 413 -4.67 8.43 -12.67
N ALA B 414 -3.63 8.91 -13.36
CA ALA B 414 -2.95 8.13 -14.37
C ALA B 414 -1.81 7.37 -13.69
N ILE B 415 -1.78 6.06 -13.85
CA ILE B 415 -0.86 5.22 -13.06
C ILE B 415 -0.72 3.87 -13.73
N TYR B 416 0.50 3.32 -13.69
CA TYR B 416 0.71 1.96 -14.17
C TYR B 416 0.12 0.96 -13.19
N SER B 417 -0.36 -0.17 -13.73
CA SER B 417 -0.93 -1.22 -12.89
C SER B 417 0.05 -1.67 -11.81
N THR B 418 1.31 -1.89 -12.19
CA THR B 418 2.28 -2.37 -11.21
C THR B 418 2.52 -1.34 -10.12
N PHE B 419 2.48 -0.05 -10.45
CA PHE B 419 2.72 0.99 -9.46
C PHE B 419 1.47 1.30 -8.63
N LEU B 420 0.28 1.04 -9.18
CA LEU B 420 -0.96 1.16 -8.40
C LEU B 420 -0.94 0.25 -7.18
N GLN B 421 -0.18 -0.85 -7.23
CA GLN B 421 -0.02 -1.71 -6.05
C GLN B 421 0.43 -0.93 -4.83
N ARG B 422 1.24 0.12 -5.02
CA ARG B 422 1.70 0.95 -3.91
C ARG B 422 0.57 1.71 -3.24
N ALA B 423 -0.54 1.92 -3.92
CA ALA B 423 -1.63 2.73 -3.39
C ALA B 423 -2.87 1.90 -3.07
N TYR B 424 -2.69 0.58 -2.85
CA TYR B 424 -3.83 -0.29 -2.56
C TYR B 424 -4.66 0.22 -1.38
N ASP B 425 -4.01 0.54 -0.26
CA ASP B 425 -4.77 1.02 0.88
C ASP B 425 -5.40 2.38 0.63
N GLN B 426 -4.73 3.23 -0.15
CA GLN B 426 -5.30 4.54 -0.43
C GLN B 426 -6.54 4.43 -1.31
N VAL B 427 -6.53 3.50 -2.29
CA VAL B 427 -7.75 3.24 -3.05
C VAL B 427 -8.85 2.73 -2.14
N LEU B 428 -8.52 1.74 -1.30
CA LEU B 428 -9.55 1.10 -0.46
C LEU B 428 -10.07 2.07 0.60
N HIS B 429 -9.16 2.62 1.40
CA HIS B 429 -9.54 3.40 2.58
C HIS B 429 -9.92 4.84 2.23
N ASP B 430 -9.15 5.49 1.36
CA ASP B 430 -9.34 6.92 1.14
C ASP B 430 -10.29 7.23 -0.01
N VAL B 431 -10.51 6.30 -0.93
CA VAL B 431 -11.40 6.52 -2.08
C VAL B 431 -12.69 5.73 -1.96
N ALA B 432 -12.59 4.43 -1.65
CA ALA B 432 -13.74 3.54 -1.78
C ALA B 432 -14.71 3.65 -0.61
N ILE B 433 -14.23 3.90 0.61
CA ILE B 433 -15.13 3.92 1.76
C ILE B 433 -16.23 4.97 1.58
N GLU B 434 -15.87 6.17 1.13
CA GLU B 434 -16.85 7.18 0.85
C GLU B 434 -17.25 7.22 -0.62
N HIS B 435 -16.84 6.23 -1.42
CA HIS B 435 -17.31 6.08 -2.81
C HIS B 435 -17.02 7.34 -3.62
N LEU B 436 -15.76 7.78 -3.60
CA LEU B 436 -15.41 9.10 -4.13
C LEU B 436 -15.17 9.06 -5.63
N ASN B 437 -15.28 10.25 -6.24
CA ASN B 437 -15.20 10.43 -7.70
C ASN B 437 -13.74 10.49 -8.16
N VAL B 438 -13.04 9.37 -8.01
CA VAL B 438 -11.70 9.21 -8.57
C VAL B 438 -11.76 8.23 -9.73
N THR B 439 -11.23 8.63 -10.88
CA THR B 439 -11.10 7.77 -12.04
C THR B 439 -9.64 7.37 -12.20
N PHE B 440 -9.40 6.06 -12.32
CA PHE B 440 -8.07 5.51 -12.47
C PHE B 440 -7.89 5.05 -13.92
N CYS B 441 -6.95 5.67 -14.62
CA CYS B 441 -6.59 5.25 -15.97
C CYS B 441 -5.27 4.48 -15.86
N ILE B 442 -5.36 3.18 -16.02
CA ILE B 442 -4.31 2.26 -15.60
C ILE B 442 -3.59 1.76 -16.85
N ASP B 443 -2.37 2.25 -17.05
CA ASP B 443 -1.53 1.88 -18.18
C ASP B 443 -0.67 0.67 -17.81
N ARG B 444 -0.02 0.10 -18.82
CA ARG B 444 0.86 -1.07 -18.61
C ARG B 444 0.14 -2.17 -17.85
N ALA B 445 -1.15 -2.35 -18.15
CA ALA B 445 -1.93 -3.41 -17.53
C ALA B 445 -1.63 -4.73 -18.20
N GLY B 446 -1.46 -5.78 -17.39
CA GLY B 446 -1.04 -7.07 -17.91
C GLY B 446 0.47 -7.18 -17.99
N ILE B 447 0.92 -8.19 -18.74
CA ILE B 447 2.35 -8.40 -18.91
C ILE B 447 2.96 -7.23 -19.67
N VAL B 448 4.02 -6.66 -19.12
CA VAL B 448 4.76 -5.60 -19.82
C VAL B 448 5.98 -6.16 -20.55
N GLY B 449 6.47 -7.33 -20.16
CA GLY B 449 7.50 -8.01 -20.92
C GLY B 449 8.91 -7.84 -20.39
N ALA B 450 9.71 -7.05 -21.10
CA ALA B 450 11.16 -6.99 -20.86
C ALA B 450 11.50 -6.49 -19.46
N ASP B 451 10.61 -5.73 -18.83
CA ASP B 451 10.91 -5.22 -17.49
C ASP B 451 10.77 -6.30 -16.42
N GLY B 452 10.10 -7.41 -16.72
CA GLY B 452 10.13 -8.56 -15.85
C GLY B 452 9.16 -8.49 -14.67
N ALA B 453 9.45 -9.33 -13.67
CA ALA B 453 8.50 -9.59 -12.60
C ALA B 453 8.21 -8.37 -11.73
N THR B 454 9.18 -7.47 -11.56
CA THR B 454 8.92 -6.29 -10.74
C THR B 454 7.95 -5.31 -11.40
N HIS B 455 7.71 -5.43 -12.70
CA HIS B 455 6.87 -4.47 -13.43
C HIS B 455 5.63 -5.06 -14.08
N ASN B 456 5.48 -6.39 -14.16
CA ASN B 456 4.32 -6.97 -14.82
C ASN B 456 3.05 -6.65 -14.04
N GLY B 457 2.14 -5.90 -14.65
CA GLY B 457 0.93 -5.49 -13.95
C GLY B 457 -0.20 -6.49 -14.08
N VAL B 458 -0.04 -7.67 -13.47
CA VAL B 458 -0.98 -8.77 -13.67
C VAL B 458 -1.82 -9.03 -12.42
N PHE B 459 -1.95 -8.04 -11.54
CA PHE B 459 -2.70 -8.23 -10.31
C PHE B 459 -3.87 -7.28 -10.13
N ASP B 460 -4.02 -6.24 -10.97
CA ASP B 460 -5.04 -5.23 -10.67
C ASP B 460 -6.46 -5.77 -10.81
N LEU B 461 -6.68 -6.75 -11.70
CA LEU B 461 -8.02 -7.31 -11.78
C LEU B 461 -8.37 -8.11 -10.53
N SER B 462 -7.37 -8.50 -9.75
CA SER B 462 -7.61 -9.21 -8.51
C SER B 462 -7.70 -8.27 -7.31
N PHE B 463 -6.72 -7.37 -7.13
CA PHE B 463 -6.78 -6.57 -5.90
C PHE B 463 -7.81 -5.45 -5.98
N LEU B 464 -8.10 -4.91 -7.17
CA LEU B 464 -9.16 -3.89 -7.25
C LEU B 464 -10.53 -4.51 -7.09
N ARG B 465 -10.71 -5.74 -7.58
CA ARG B 465 -12.04 -6.36 -7.64
C ARG B 465 -12.63 -6.59 -6.27
N SER B 466 -11.80 -6.83 -5.26
CA SER B 466 -12.31 -7.10 -3.92
C SER B 466 -12.53 -5.84 -3.10
N ILE B 467 -12.37 -4.66 -3.69
CA ILE B 467 -12.65 -3.39 -3.03
C ILE B 467 -14.09 -3.02 -3.34
N PRO B 468 -14.94 -2.80 -2.33
CA PRO B 468 -16.34 -2.42 -2.59
C PRO B 468 -16.45 -1.13 -3.40
N GLY B 469 -17.29 -1.17 -4.44
CA GLY B 469 -17.64 0.01 -5.19
C GLY B 469 -16.67 0.45 -6.26
N VAL B 470 -15.57 -0.27 -6.45
CA VAL B 470 -14.58 0.09 -7.47
C VAL B 470 -14.96 -0.62 -8.76
N ARG B 471 -15.46 0.13 -9.73
CA ARG B 471 -15.79 -0.43 -11.03
C ARG B 471 -14.54 -0.59 -11.88
N ILE B 472 -14.54 -1.60 -12.75
CA ILE B 472 -13.35 -1.97 -13.52
C ILE B 472 -13.74 -2.23 -14.97
N GLY B 473 -13.12 -1.52 -15.90
CA GLY B 473 -13.40 -1.69 -17.32
C GLY B 473 -12.15 -1.94 -18.11
N LEU B 474 -12.31 -2.71 -19.19
CA LEU B 474 -11.24 -3.05 -20.13
C LEU B 474 -11.67 -2.64 -21.54
N PRO B 475 -11.14 -1.54 -22.08
CA PRO B 475 -11.60 -1.07 -23.39
C PRO B 475 -10.96 -1.83 -24.54
N LYS B 476 -11.76 -2.17 -25.55
CA LYS B 476 -11.22 -2.90 -26.68
C LYS B 476 -10.48 -2.01 -27.67
N ASP B 477 -10.80 -0.71 -27.71
CA ASP B 477 -10.15 0.22 -28.62
C ASP B 477 -10.24 1.62 -28.02
N ALA B 478 -9.75 2.62 -28.77
CA ALA B 478 -9.72 3.98 -28.27
C ALA B 478 -11.13 4.57 -28.13
N ALA B 479 -12.07 4.16 -28.99
CA ALA B 479 -13.43 4.64 -28.86
C ALA B 479 -14.07 4.15 -27.58
N GLU B 480 -13.82 2.89 -27.21
CA GLU B 480 -14.36 2.35 -25.98
C GLU B 480 -13.69 2.96 -24.76
N LEU B 481 -12.39 3.26 -24.87
CA LEU B 481 -11.69 3.98 -23.80
C LEU B 481 -12.34 5.33 -23.53
N ARG B 482 -12.64 6.08 -24.60
CA ARG B 482 -13.31 7.37 -24.43
C ARG B 482 -14.70 7.19 -23.83
N GLY B 483 -15.44 6.15 -24.27
CA GLY B 483 -16.74 5.88 -23.68
C GLY B 483 -16.66 5.58 -22.20
N MET B 484 -15.62 4.83 -21.78
CA MET B 484 -15.47 4.51 -20.37
C MET B 484 -15.01 5.72 -19.57
N LEU B 485 -14.11 6.53 -20.15
CA LEU B 485 -13.69 7.75 -19.47
C LEU B 485 -14.85 8.72 -19.30
N LYS B 486 -15.64 8.90 -20.37
CA LYS B 486 -16.83 9.74 -20.29
C LYS B 486 -17.76 9.26 -19.20
N TYR B 487 -18.06 7.97 -19.17
CA TYR B 487 -18.95 7.43 -18.15
C TYR B 487 -18.39 7.70 -16.75
N ALA B 488 -17.09 7.41 -16.56
CA ALA B 488 -16.49 7.54 -15.23
C ALA B 488 -16.51 8.98 -14.73
N GLN B 489 -16.25 9.93 -15.62
CA GLN B 489 -16.19 11.34 -15.25
C GLN B 489 -17.57 11.95 -15.02
N THR B 490 -18.65 11.24 -15.37
CA THR B 490 -20.01 11.77 -15.22
C THR B 490 -20.88 10.93 -14.30
N HIS B 491 -20.33 9.94 -13.60
CA HIS B 491 -21.12 9.10 -12.71
C HIS B 491 -20.43 9.00 -11.35
N ASP B 492 -21.23 8.69 -10.33
CA ASP B 492 -20.77 8.72 -8.95
CA ASP B 492 -20.76 8.72 -8.96
C ASP B 492 -19.83 7.54 -8.66
N GLY B 493 -18.84 7.81 -7.81
CA GLY B 493 -17.97 6.75 -7.32
C GLY B 493 -16.73 6.51 -8.16
N PRO B 494 -15.88 5.58 -7.69
CA PRO B 494 -14.62 5.32 -8.37
C PRO B 494 -14.74 4.35 -9.53
N PHE B 495 -13.94 4.60 -10.56
CA PHE B 495 -13.90 3.78 -11.76
C PHE B 495 -12.44 3.54 -12.13
N ALA B 496 -12.14 2.31 -12.56
CA ALA B 496 -10.81 1.94 -13.03
C ALA B 496 -10.90 1.46 -14.48
N ILE B 497 -9.99 1.96 -15.32
CA ILE B 497 -9.92 1.61 -16.73
C ILE B 497 -8.48 1.18 -17.02
N ARG B 498 -8.29 -0.09 -17.39
CA ARG B 498 -6.95 -0.66 -17.53
C ARG B 498 -6.71 -1.10 -18.96
N TYR B 499 -5.52 -0.77 -19.48
CA TYR B 499 -5.16 -1.04 -20.86
C TYR B 499 -3.68 -1.35 -20.92
N PRO B 500 -3.24 -2.14 -21.90
CA PRO B 500 -1.86 -2.63 -21.91
C PRO B 500 -0.89 -1.65 -22.54
N ARG B 501 0.39 -1.92 -22.27
CA ARG B 501 1.45 -1.41 -23.12
C ARG B 501 1.26 -1.94 -24.53
N GLY B 502 1.26 -1.05 -25.52
CA GLY B 502 1.01 -1.43 -26.88
C GLY B 502 0.24 -0.36 -27.61
N ASN B 503 -0.23 -0.69 -28.80
CA ASN B 503 -0.78 0.28 -29.74
C ASN B 503 -2.26 0.01 -30.00
N THR B 504 -2.95 1.07 -30.42
CA THR B 504 -4.34 0.98 -30.83
C THR B 504 -4.61 2.10 -31.84
N ALA B 505 -5.66 1.92 -32.64
CA ALA B 505 -5.94 2.87 -33.70
C ALA B 505 -6.38 4.22 -33.15
N GLN B 506 -5.92 5.29 -33.79
CA GLN B 506 -6.38 6.63 -33.45
C GLN B 506 -7.83 6.82 -33.90
N VAL B 507 -8.58 7.59 -33.12
CA VAL B 507 -9.98 7.88 -33.43
C VAL B 507 -10.13 9.38 -33.60
N PRO B 508 -11.16 9.82 -34.32
CA PRO B 508 -11.35 11.26 -34.55
C PRO B 508 -11.60 12.01 -33.24
N ALA B 509 -11.16 13.26 -33.21
CA ALA B 509 -11.51 14.13 -32.10
C ALA B 509 -13.04 14.24 -32.02
N GLY B 510 -13.54 14.38 -30.80
CA GLY B 510 -14.97 14.41 -30.58
C GLY B 510 -15.62 13.05 -30.51
N THR B 511 -14.85 11.96 -30.49
CA THR B 511 -15.40 10.62 -30.31
C THR B 511 -15.71 10.42 -28.83
N TRP B 512 -16.98 10.44 -28.47
CA TRP B 512 -17.41 10.28 -27.08
C TRP B 512 -18.68 9.45 -27.04
N PRO B 513 -18.57 8.14 -27.26
CA PRO B 513 -19.76 7.29 -27.28
C PRO B 513 -20.34 7.12 -25.88
N ASP B 514 -21.65 6.95 -25.83
CA ASP B 514 -22.33 6.60 -24.59
C ASP B 514 -22.37 5.09 -24.46
N LEU B 515 -21.90 4.58 -23.32
CA LEU B 515 -22.01 3.16 -23.04
C LEU B 515 -22.67 2.98 -21.69
N LYS B 516 -23.25 1.79 -21.49
CA LYS B 516 -23.83 1.41 -20.21
C LYS B 516 -22.79 0.61 -19.46
N TRP B 517 -22.25 1.19 -18.39
CA TRP B 517 -21.24 0.50 -17.61
C TRP B 517 -21.81 -0.80 -17.06
N GLY B 518 -21.09 -1.89 -17.29
CA GLY B 518 -21.50 -3.19 -16.80
C GLY B 518 -22.09 -4.12 -17.85
N GLU B 519 -22.41 -3.62 -19.05
CA GLU B 519 -22.95 -4.49 -20.10
CA GLU B 519 -22.96 -4.46 -20.12
C GLU B 519 -21.85 -4.85 -21.08
N TRP B 520 -21.74 -6.15 -21.36
CA TRP B 520 -20.77 -6.66 -22.32
C TRP B 520 -21.32 -6.51 -23.72
N GLU B 521 -20.53 -6.92 -24.71
CA GLU B 521 -20.97 -6.90 -26.10
C GLU B 521 -20.49 -8.17 -26.80
N ARG B 522 -21.43 -8.93 -27.34
CA ARG B 522 -21.06 -10.09 -28.14
C ARG B 522 -20.48 -9.62 -29.46
N LEU B 523 -19.33 -10.19 -29.84
CA LEU B 523 -18.68 -9.83 -31.09
C LEU B 523 -18.69 -10.93 -32.13
N LYS B 524 -18.89 -12.18 -31.72
CA LYS B 524 -18.98 -13.29 -32.66
C LYS B 524 -20.06 -14.25 -32.21
N GLY B 525 -20.89 -14.69 -33.15
CA GLY B 525 -21.95 -15.63 -32.83
C GLY B 525 -21.41 -17.02 -32.55
N GLY B 526 -22.23 -17.78 -31.83
CA GLY B 526 -21.86 -19.14 -31.46
C GLY B 526 -22.32 -19.50 -30.06
N ASP B 527 -22.96 -20.66 -29.92
CA ASP B 527 -23.45 -21.12 -28.63
C ASP B 527 -22.79 -22.39 -28.12
N ASP B 528 -22.01 -23.08 -28.95
CA ASP B 528 -21.33 -24.29 -28.51
C ASP B 528 -20.35 -23.95 -27.40
N VAL B 529 -19.27 -23.24 -27.74
CA VAL B 529 -18.30 -22.73 -26.78
C VAL B 529 -18.24 -21.23 -26.94
N VAL B 530 -18.26 -20.50 -25.83
CA VAL B 530 -18.22 -19.04 -25.83
C VAL B 530 -17.01 -18.60 -25.03
N ILE B 531 -16.20 -17.72 -25.63
CA ILE B 531 -15.02 -17.17 -24.99
C ILE B 531 -15.38 -15.80 -24.43
N LEU B 532 -15.04 -15.58 -23.16
CA LEU B 532 -15.23 -14.29 -22.50
C LEU B 532 -13.86 -13.67 -22.28
N ALA B 533 -13.64 -12.48 -22.84
CA ALA B 533 -12.35 -11.84 -22.73
C ALA B 533 -12.48 -10.35 -23.02
N GLY B 534 -11.57 -9.57 -22.44
CA GLY B 534 -11.51 -8.15 -22.70
C GLY B 534 -10.09 -7.71 -22.96
N GLY B 535 -9.97 -6.52 -23.54
CA GLY B 535 -8.65 -5.93 -23.75
C GLY B 535 -7.75 -6.80 -24.59
N LYS B 536 -6.50 -6.96 -24.14
CA LYS B 536 -5.52 -7.73 -24.90
C LYS B 536 -5.96 -9.18 -25.06
N ALA B 537 -6.59 -9.75 -24.03
CA ALA B 537 -7.08 -11.12 -24.10
C ALA B 537 -8.15 -11.28 -25.16
N LEU B 538 -8.97 -10.24 -25.38
CA LEU B 538 -10.00 -10.28 -26.40
C LEU B 538 -9.40 -10.37 -27.79
N ASP B 539 -8.29 -9.66 -28.03
CA ASP B 539 -7.61 -9.76 -29.32
C ASP B 539 -7.17 -11.20 -29.58
N TYR B 540 -6.64 -11.87 -28.56
CA TYR B 540 -6.28 -13.28 -28.69
C TYR B 540 -7.52 -14.13 -28.97
N ALA B 541 -8.62 -13.84 -28.27
CA ALA B 541 -9.83 -14.66 -28.42
C ALA B 541 -10.43 -14.53 -29.82
N LEU B 542 -10.48 -13.30 -30.35
CA LEU B 542 -11.02 -13.10 -31.69
C LEU B 542 -10.16 -13.79 -32.74
N LYS B 543 -8.83 -13.71 -32.59
CA LYS B 543 -7.95 -14.39 -33.54
C LYS B 543 -8.11 -15.91 -33.44
N ALA B 544 -8.34 -16.42 -32.23
CA ALA B 544 -8.43 -17.87 -32.04
C ALA B 544 -9.70 -18.44 -32.69
N ALA B 545 -10.81 -17.72 -32.61
CA ALA B 545 -12.08 -18.17 -33.18
C ALA B 545 -12.27 -17.72 -34.63
N GLU B 546 -11.19 -17.25 -35.28
CA GLU B 546 -11.31 -16.59 -36.58
C GLU B 546 -12.01 -17.46 -37.62
N ASP B 547 -11.70 -18.76 -37.64
CA ASP B 547 -12.24 -19.67 -38.64
C ASP B 547 -13.11 -20.76 -38.03
N LEU B 548 -13.64 -20.53 -36.84
CA LEU B 548 -14.37 -21.54 -36.07
C LEU B 548 -15.82 -21.09 -35.86
N PRO B 549 -16.72 -21.41 -36.78
CA PRO B 549 -18.14 -21.10 -36.57
C PRO B 549 -18.68 -21.88 -35.39
N GLY B 550 -19.58 -21.25 -34.63
CA GLY B 550 -20.10 -21.85 -33.43
C GLY B 550 -19.30 -21.57 -32.17
N VAL B 551 -18.09 -21.03 -32.30
CA VAL B 551 -17.31 -20.56 -31.17
C VAL B 551 -17.64 -19.08 -30.97
N GLY B 552 -18.46 -18.79 -29.97
CA GLY B 552 -18.81 -17.41 -29.68
C GLY B 552 -17.68 -16.67 -28.99
N VAL B 553 -17.64 -15.35 -29.22
CA VAL B 553 -16.71 -14.47 -28.55
C VAL B 553 -17.47 -13.27 -28.00
N VAL B 554 -17.33 -13.01 -26.71
CA VAL B 554 -17.99 -11.91 -26.03
C VAL B 554 -16.92 -10.95 -25.53
N ASN B 555 -17.06 -9.67 -25.87
CA ASN B 555 -16.19 -8.64 -25.30
C ASN B 555 -16.59 -8.40 -23.85
N ALA B 556 -15.93 -9.09 -22.93
CA ALA B 556 -16.16 -8.91 -21.49
C ALA B 556 -15.38 -7.67 -21.02
N ARG B 557 -15.88 -6.51 -21.45
CA ARG B 557 -15.20 -5.24 -21.22
C ARG B 557 -15.39 -4.70 -19.82
N PHE B 558 -16.15 -5.37 -18.96
CA PHE B 558 -16.32 -4.95 -17.58
C PHE B 558 -16.07 -6.13 -16.66
N VAL B 559 -15.12 -5.98 -15.75
CA VAL B 559 -14.84 -6.99 -14.74
C VAL B 559 -15.62 -6.71 -13.46
N LYS B 560 -15.91 -5.43 -13.18
CA LYS B 560 -16.78 -5.07 -12.07
C LYS B 560 -17.65 -3.88 -12.47
N PRO B 561 -18.98 -4.07 -12.51
CA PRO B 561 -19.63 -5.36 -12.32
C PRO B 561 -19.49 -6.24 -13.55
N LEU B 562 -19.72 -7.53 -13.41
CA LEU B 562 -19.90 -8.36 -14.59
C LEU B 562 -21.27 -8.09 -15.22
N ASP B 563 -21.42 -8.47 -16.48
CA ASP B 563 -22.73 -8.45 -17.12
C ASP B 563 -23.47 -9.69 -16.66
N GLU B 564 -24.16 -9.55 -15.52
CA GLU B 564 -24.83 -10.70 -14.91
C GLU B 564 -25.87 -11.30 -15.84
N GLU B 565 -26.61 -10.44 -16.55
CA GLU B 565 -27.67 -10.93 -17.44
C GLU B 565 -27.10 -11.75 -18.58
N MET B 566 -26.03 -11.27 -19.22
CA MET B 566 -25.47 -12.00 -20.34
C MET B 566 -24.74 -13.25 -19.86
N LEU B 567 -24.06 -13.18 -18.71
CA LEU B 567 -23.37 -14.36 -18.19
C LEU B 567 -24.37 -15.46 -17.85
N ARG B 568 -25.53 -15.10 -17.29
CA ARG B 568 -26.56 -16.08 -16.99
C ARG B 568 -27.05 -16.75 -18.26
N GLU B 569 -27.31 -15.97 -19.31
CA GLU B 569 -27.79 -16.54 -20.56
C GLU B 569 -26.73 -17.41 -21.21
N VAL B 570 -25.51 -16.90 -21.32
CA VAL B 570 -24.44 -17.65 -21.98
C VAL B 570 -24.04 -18.86 -21.14
N GLY B 571 -23.98 -18.69 -19.82
CA GLY B 571 -23.60 -19.80 -18.96
C GLY B 571 -24.63 -20.93 -18.94
N GLY B 572 -25.89 -20.60 -19.19
CA GLY B 572 -26.94 -21.60 -19.17
C GLY B 572 -27.15 -22.29 -20.50
N ARG B 573 -26.69 -21.67 -21.59
CA ARG B 573 -26.93 -22.20 -22.93
C ARG B 573 -25.73 -22.87 -23.56
N ALA B 574 -24.52 -22.50 -23.17
CA ALA B 574 -23.31 -23.05 -23.76
C ALA B 574 -22.91 -24.35 -23.04
N ARG B 575 -22.27 -25.25 -23.79
CA ARG B 575 -21.74 -26.44 -23.18
C ARG B 575 -20.44 -26.16 -22.42
N ALA B 576 -19.67 -25.18 -22.87
CA ALA B 576 -18.43 -24.83 -22.21
C ALA B 576 -18.14 -23.35 -22.39
N LEU B 577 -17.49 -22.77 -21.39
CA LEU B 577 -17.02 -21.39 -21.45
C LEU B 577 -15.51 -21.36 -21.31
N ILE B 578 -14.89 -20.37 -21.94
CA ILE B 578 -13.49 -20.05 -21.73
C ILE B 578 -13.40 -18.60 -21.29
N THR B 579 -12.73 -18.35 -20.17
CA THR B 579 -12.37 -17.00 -19.77
C THR B 579 -10.89 -16.79 -20.03
N VAL B 580 -10.55 -15.61 -20.55
CA VAL B 580 -9.17 -15.25 -20.84
C VAL B 580 -8.90 -13.87 -20.25
N GLU B 581 -7.75 -13.72 -19.59
CA GLU B 581 -7.42 -12.44 -18.97
C GLU B 581 -5.91 -12.26 -18.98
N ASP B 582 -5.48 -11.01 -19.18
CA ASP B 582 -4.08 -10.62 -19.03
C ASP B 582 -3.85 -10.20 -17.58
N ASN B 583 -3.93 -11.22 -16.70
CA ASN B 583 -3.97 -11.06 -15.25
C ASN B 583 -3.78 -12.44 -14.65
N THR B 584 -3.34 -12.48 -13.40
CA THR B 584 -3.23 -13.78 -12.74
C THR B 584 -4.58 -14.47 -12.72
N VAL B 585 -4.55 -15.81 -12.82
CA VAL B 585 -5.78 -16.59 -12.69
C VAL B 585 -6.33 -16.58 -11.27
N VAL B 586 -5.56 -16.11 -10.31
CA VAL B 586 -5.95 -16.16 -8.90
C VAL B 586 -6.80 -14.94 -8.58
N GLY B 587 -8.10 -15.17 -8.37
CA GLY B 587 -8.99 -14.13 -7.90
C GLY B 587 -9.30 -13.03 -8.91
N GLY B 588 -8.98 -13.23 -10.18
CA GLY B 588 -9.18 -12.19 -11.18
C GLY B 588 -10.50 -12.34 -11.91
N PHE B 589 -10.47 -12.12 -13.23
CA PHE B 589 -11.69 -12.16 -14.02
C PHE B 589 -12.29 -13.56 -14.05
N GLY B 590 -11.46 -14.58 -14.28
CA GLY B 590 -11.95 -15.95 -14.25
C GLY B 590 -12.57 -16.30 -12.90
N GLY B 591 -11.92 -15.90 -11.82
CA GLY B 591 -12.50 -16.11 -10.50
C GLY B 591 -13.83 -15.40 -10.33
N ALA B 592 -13.93 -14.18 -10.86
CA ALA B 592 -15.19 -13.44 -10.78
C ALA B 592 -16.30 -14.17 -11.54
N VAL B 593 -15.98 -14.74 -12.70
CA VAL B 593 -16.98 -15.48 -13.46
C VAL B 593 -17.42 -16.72 -12.71
N LEU B 594 -16.47 -17.45 -12.11
CA LEU B 594 -16.82 -18.64 -11.33
C LEU B 594 -17.66 -18.27 -10.10
N GLU B 595 -17.33 -17.17 -9.44
CA GLU B 595 -18.14 -16.73 -8.30
C GLU B 595 -19.55 -16.37 -8.73
N ALA B 596 -19.69 -15.65 -9.85
CA ALA B 596 -21.02 -15.27 -10.33
C ALA B 596 -21.82 -16.47 -10.78
N LEU B 597 -21.19 -17.39 -11.51
CA LEU B 597 -21.88 -18.61 -11.94
C LEU B 597 -22.36 -19.42 -10.74
N ASN B 598 -21.54 -19.51 -9.70
CA ASN B 598 -21.95 -20.29 -8.52
C ASN B 598 -23.13 -19.65 -7.82
N SER B 599 -23.15 -18.32 -7.74
CA SER B 599 -24.27 -17.63 -7.12
C SER B 599 -25.57 -17.87 -7.89
N MET B 600 -25.47 -18.11 -9.19
CA MET B 600 -26.62 -18.43 -10.02
C MET B 600 -26.90 -19.92 -10.10
N ASN B 601 -26.13 -20.74 -9.37
CA ASN B 601 -26.27 -22.20 -9.39
C ASN B 601 -26.19 -22.76 -10.80
N LEU B 602 -25.33 -22.16 -11.62
CA LEU B 602 -25.03 -22.65 -12.95
C LEU B 602 -23.68 -23.34 -12.92
N HIS B 603 -23.58 -24.49 -13.56
CA HIS B 603 -22.36 -25.31 -13.52
C HIS B 603 -21.92 -25.73 -14.93
N PRO B 604 -21.66 -24.77 -15.82
CA PRO B 604 -21.08 -25.14 -17.12
C PRO B 604 -19.60 -25.47 -16.98
N THR B 605 -19.09 -26.19 -17.97
CA THR B 605 -17.64 -26.39 -18.04
C THR B 605 -16.98 -25.06 -18.34
N VAL B 606 -15.95 -24.73 -17.57
CA VAL B 606 -15.25 -23.46 -17.70
C VAL B 606 -13.74 -23.72 -17.71
N ARG B 607 -13.04 -23.11 -18.66
CA ARG B 607 -11.59 -23.14 -18.72
CA ARG B 607 -11.59 -23.14 -18.72
C ARG B 607 -11.08 -21.73 -18.45
N VAL B 608 -10.46 -21.55 -17.29
CA VAL B 608 -9.96 -20.23 -16.88
C VAL B 608 -8.52 -20.11 -17.39
N LEU B 609 -8.31 -19.18 -18.33
CA LEU B 609 -7.00 -18.96 -18.92
C LEU B 609 -6.46 -17.61 -18.45
N GLY B 610 -5.20 -17.59 -18.04
CA GLY B 610 -4.59 -16.36 -17.56
C GLY B 610 -3.15 -16.62 -17.18
N ILE B 611 -2.57 -15.65 -16.50
CA ILE B 611 -1.18 -15.78 -16.05
C ILE B 611 -1.15 -16.72 -14.84
N PRO B 612 -0.27 -17.72 -14.81
CA PRO B 612 -0.22 -18.63 -13.66
C PRO B 612 0.20 -17.90 -12.40
N ASP B 613 -0.04 -18.56 -11.26
CA ASP B 613 0.31 -18.03 -9.94
C ASP B 613 1.81 -18.09 -9.73
N GLU B 614 2.58 -17.51 -10.65
CA GLU B 614 4.03 -17.49 -10.59
C GLU B 614 4.49 -16.17 -11.21
N PHE B 615 5.52 -15.56 -10.62
CA PHE B 615 6.08 -14.35 -11.20
C PHE B 615 6.71 -14.68 -12.55
N GLN B 616 6.56 -13.76 -13.51
CA GLN B 616 6.98 -13.98 -14.89
C GLN B 616 8.25 -13.19 -15.17
N GLU B 617 9.32 -13.91 -15.50
CA GLU B 617 10.60 -13.28 -15.78
C GLU B 617 10.54 -12.48 -17.09
N HIS B 618 11.54 -11.64 -17.28
CA HIS B 618 11.64 -10.81 -18.48
C HIS B 618 11.66 -11.66 -19.74
N ALA B 619 10.86 -11.23 -20.72
CA ALA B 619 10.71 -11.86 -22.03
C ALA B 619 9.77 -10.96 -22.82
N THR B 620 9.48 -11.29 -24.08
CA THR B 620 8.41 -10.54 -24.74
C THR B 620 7.08 -10.91 -24.12
N ALA B 621 6.13 -9.97 -24.17
CA ALA B 621 4.79 -10.27 -23.68
C ALA B 621 4.18 -11.44 -24.43
N GLU B 622 4.43 -11.51 -25.74
CA GLU B 622 3.91 -12.61 -26.55
C GLU B 622 4.49 -13.95 -26.09
N SER B 623 5.77 -13.98 -25.74
CA SER B 623 6.37 -15.21 -25.25
C SER B 623 5.76 -15.61 -23.91
N VAL B 624 5.60 -14.66 -22.99
CA VAL B 624 4.95 -14.95 -21.72
C VAL B 624 3.54 -15.48 -21.96
N HIS B 625 2.80 -14.84 -22.86
CA HIS B 625 1.42 -15.23 -23.11
C HIS B 625 1.34 -16.60 -23.76
N ALA B 626 2.28 -16.92 -24.65
CA ALA B 626 2.32 -18.24 -25.26
C ALA B 626 2.51 -19.33 -24.21
N ARG B 627 3.46 -19.13 -23.30
CA ARG B 627 3.73 -20.13 -22.27
C ARG B 627 2.68 -20.12 -21.17
N ALA B 628 2.06 -18.97 -20.90
CA ALA B 628 0.94 -18.92 -19.96
C ALA B 628 -0.31 -19.57 -20.52
N GLY B 629 -0.43 -19.67 -21.85
CA GLY B 629 -1.55 -20.32 -22.46
C GLY B 629 -2.74 -19.44 -22.76
N ILE B 630 -2.53 -18.17 -23.08
CA ILE B 630 -3.63 -17.27 -23.40
C ILE B 630 -3.57 -16.72 -24.81
N ASP B 631 -2.52 -17.00 -25.57
CA ASP B 631 -2.49 -16.49 -26.93
C ASP B 631 -3.40 -17.33 -27.83
N ALA B 632 -3.56 -16.88 -29.08
CA ALA B 632 -4.51 -17.53 -29.99
C ALA B 632 -4.22 -19.01 -30.22
N PRO B 633 -2.98 -19.46 -30.45
CA PRO B 633 -2.78 -20.92 -30.60
C PRO B 633 -3.13 -21.69 -29.34
N ALA B 634 -2.85 -21.14 -28.16
CA ALA B 634 -3.16 -21.83 -26.92
C ALA B 634 -4.66 -21.94 -26.70
N ILE B 635 -5.41 -20.89 -27.05
CA ILE B 635 -6.86 -20.94 -26.93
C ILE B 635 -7.45 -21.98 -27.87
N ARG B 636 -6.93 -22.07 -29.10
CA ARG B 636 -7.40 -23.08 -30.04
C ARG B 636 -7.13 -24.49 -29.53
N THR B 637 -6.02 -24.68 -28.84
CA THR B 637 -5.74 -25.98 -28.23
C THR B 637 -6.78 -26.30 -27.15
N VAL B 638 -7.15 -25.31 -26.34
CA VAL B 638 -8.20 -25.52 -25.35
C VAL B 638 -9.54 -25.79 -26.02
N LEU B 639 -9.83 -25.07 -27.11
CA LEU B 639 -11.06 -25.31 -27.86
C LEU B 639 -11.12 -26.74 -28.38
N ALA B 640 -9.99 -27.26 -28.88
CA ALA B 640 -9.96 -28.65 -29.34
C ALA B 640 -10.19 -29.61 -28.18
N GLU B 641 -9.63 -29.32 -27.01
CA GLU B 641 -9.87 -30.16 -25.84
C GLU B 641 -11.34 -30.17 -25.45
N LEU B 642 -12.05 -29.07 -25.67
CA LEU B 642 -13.47 -28.97 -25.36
C LEU B 642 -14.36 -29.56 -26.45
N GLY B 643 -13.76 -30.19 -27.46
CA GLY B 643 -14.53 -30.85 -28.50
C GLY B 643 -14.81 -30.03 -29.73
N VAL B 644 -14.24 -28.84 -29.86
CA VAL B 644 -14.43 -28.02 -31.05
C VAL B 644 -13.59 -28.60 -32.18
N ASP B 645 -14.18 -28.62 -33.39
CA ASP B 645 -13.50 -29.12 -34.58
C ASP B 645 -12.53 -28.05 -35.08
N VAL B 646 -11.31 -28.11 -34.58
CA VAL B 646 -10.25 -27.18 -34.96
C VAL B 646 -9.41 -27.83 -36.05
N PRO B 647 -9.22 -27.16 -37.21
CA PRO B 647 -8.44 -27.70 -38.34
C PRO B 647 -7.01 -28.07 -37.96
#